data_5WF7
#
_entry.id   5WF7
#
_cell.length_a   115.875
_cell.length_b   136.303
_cell.length_c   223.209
_cell.angle_alpha   90.00
_cell.angle_beta   90.00
_cell.angle_gamma   90.00
#
_symmetry.space_group_name_H-M   'C 2 2 21'
#
loop_
_entity.id
_entity.type
_entity.pdbx_description
1 polymer 'Polycomb Protein EED'
2 polymer 'Histone-lysine-N-methyltransferase EZH2, Polycomb protein SUZ12 chimera'
3 non-polymer 'ZINC ION'
4 non-polymer 1-[(2S)-butan-2-yl]-N-[(4,6-dimethyl-2-oxo-1,2-dihydropyridin-3-yl)methyl]-3-methyl-6-[6-(piperazin-1-yl)pyridin-3-yl]-1H-indole-4-carboxamide
5 water water
#
loop_
_entity_poly.entity_id
_entity_poly.type
_entity_poly.pdbx_seq_one_letter_code
_entity_poly.pdbx_strand_id
1 'polypeptide(L)'
;MASAWSHPQFEKGGGSGGGSGGSAWSHPQFEKLEVLFQGPMPASDSAEWELPRLRTSFIFQDDYKYLGDDGSVSQDLAEF
FDVKFYPYSPPGAPPVFAATSKKHAVICRLTQTTDKDANPCEIIQLIRDDGNEANCASCWSKDPITDQPLLCIAGNEGNV
KVYNVTEGKLYRTLVGHGGGINDLATSPANPYIIASASDDTTIRIWSLAPEHEKQPCVCILGGEGHSYDLLSVAFHDNGR
YVLSAGHDQVINLWALPEFPNEHMEIPIVIYYPHFSSSEIHNNLVDCVAFYGDLILSRACHEDTIVLWRIEGFSSDDPIP
GPLDAPTPTDMTKQTRSYFTPTVSPQSRPAMFTRLAQFHTPDCGVQFFMRFRMYHVPGKHPILAFANAKSKTFFWDLARF
GEYARFMADLKEAQQSYNGRVVVVDQGQGISLAQAQQVHGPGVGVVMKPAWLVPKRVKKAPGAAGSGSGTAANGGHNNNN
NNNNNNNNNNHETGSQRSFSATNNLSNSGRDKESASMVSASPDPDSPFGFSRETLQAWADMYDLSNPVGLIKAHRSLAID
GAFVGRQVGWSPEGEWCVVVGNGNRALIYQRWGKERGLGSGTPGA
;
A
2 'polypeptide(L)'
;SNHHHHHHATPKNTEWTVDKIASALSVLAEEVPQNHSRLVNFLLEETEKRAPQPRHLSKTDPFAHMKSKAIDANRPRPEG
VPTMDVKFKQHSGEYGKSRNSGRRFQYPVVCIKPDREPVPPYRFHHAEIRKNILALNSQLNFVPHLRDVDPNSAEEQKYS
AWLMDLENLDSKSGFKIQPRSQKIAKRAQAEYAATLAPYLEPWLRKLNIEGCTKSNLIRFMASQPESDDSMTPQQKSNLL
DTYSDDMGSPQAVRNASMFTEAWDRVFNDQSKLRRVALRDILMLDKNVEPIFDNKRAKDAPGSQKPPDEALMQKVIDALG
SYTTLGCLICFSHDCEHGEIERDNQKRCFSLEEIGGLMPSLRRKWAAQIEQRQKTEGGSANAPPAHPPCRNECYRIHGTG
DPNQQVPPWSENEVGTLEWMFATIGYSQTLRPECFVGAILGRPCWDVHRKLQELDLRLPPVEPRTIPKQKSLPWYDRRKK
QLMSDWADATITHEHAVRELFAPCHHDGPCTAANGCPCASAGTHPVLCERFCLCTAEECPLKFTGCACHSSGKTCLQRQR
EGRPCICVQLNRECDPTLCKGCGARERADPENAYDEVLHSTGCQNVALQRGAAKAVVLGKSQLEACGYGLFAAEDIEEGE
FVIEYTGELISHDEGVRREHRRGDVFDEENKVSYLFTLLEQEGIWVDAAIYGNLSRYINHATDGNIMPKIMYVNHEWRIK
FTAIKDIKAGEELFFNYGDNFPNLTKKLVERNEQSGAETTPQQPKRANGLVPRGSEVMLPGRGVPKKPLRRPKRRPLLVP
KTTQPLFDPLSKVQLLPGQPLPQHPIDDSWLLLKHRDNLQDFIDLRPEEKEFLQEWDAFILRRHISSEQYLPRYFLRFVR
EKADWLVSKRSRGEEFSKLVATLLARRVLPERVVIEATQVLNDARGRLREQGGVIEG
;
B
#
loop_
_chem_comp.id
_chem_comp.type
_chem_comp.name
_chem_comp.formula
A9G non-polymer 1-[(2S)-butan-2-yl]-N-[(4,6-dimethyl-2-oxo-1,2-dihydropyridin-3-yl)methyl]-3-methyl-6-[6-(piperazin-1-yl)pyridin-3-yl]-1H-indole-4-carboxamide 'C31 H38 N6 O2'
ZN non-polymer 'ZINC ION' 'Zn 2'
#
# COMPACT_ATOMS: atom_id res chain seq x y z
N GLU A 48 12.28 20.34 -38.93
CA GLU A 48 11.38 19.98 -37.83
C GLU A 48 11.40 18.46 -37.56
N TRP A 49 11.82 17.70 -38.55
CA TRP A 49 12.11 16.29 -38.34
C TRP A 49 13.52 16.07 -37.83
N GLU A 50 14.20 17.16 -37.53
CA GLU A 50 15.62 17.12 -37.22
C GLU A 50 15.88 16.60 -35.81
N LEU A 51 16.91 15.75 -35.68
CA LEU A 51 17.38 15.21 -34.42
C LEU A 51 18.74 15.80 -34.07
N PRO A 52 19.09 15.85 -32.77
CA PRO A 52 20.26 16.61 -32.34
C PRO A 52 21.60 16.05 -32.82
N ARG A 53 22.60 16.93 -32.79
CA ARG A 53 24.00 16.59 -33.03
C ARG A 53 24.81 17.08 -31.84
N LEU A 54 25.96 16.44 -31.58
CA LEU A 54 26.84 16.93 -30.53
C LEU A 54 27.44 18.27 -30.92
N ARG A 55 27.28 19.27 -30.05
CA ARG A 55 27.81 20.62 -30.28
C ARG A 55 28.87 21.02 -29.27
N THR A 56 28.71 20.63 -28.00
CA THR A 56 29.64 21.01 -26.94
C THR A 56 29.66 19.94 -25.86
N SER A 57 30.84 19.67 -25.33
CA SER A 57 31.01 18.83 -24.15
C SER A 57 31.90 19.58 -23.18
N PHE A 58 31.82 19.22 -21.90
CA PHE A 58 32.82 19.73 -20.98
C PHE A 58 33.01 18.76 -19.82
N ILE A 59 34.15 18.93 -19.15
CA ILE A 59 34.50 18.14 -17.98
C ILE A 59 34.67 19.11 -16.83
N PHE A 60 33.93 18.87 -15.76
CA PHE A 60 34.04 19.71 -14.59
C PHE A 60 34.95 19.02 -13.59
N GLN A 61 35.86 19.79 -13.01
CA GLN A 61 36.94 19.25 -12.19
C GLN A 61 36.43 18.27 -11.14
N ASP A 62 37.24 17.23 -10.86
CA ASP A 62 36.82 16.15 -9.96
C ASP A 62 36.58 16.68 -8.56
N ASP A 63 35.36 16.53 -8.05
CA ASP A 63 35.00 17.08 -6.74
C ASP A 63 34.59 16.00 -5.75
N TYR A 64 34.97 14.75 -5.98
CA TYR A 64 34.73 13.67 -5.04
C TYR A 64 35.99 12.80 -4.93
N LYS A 65 37.11 13.44 -4.62
CA LYS A 65 38.45 12.85 -4.68
C LYS A 65 38.98 12.52 -3.28
N ALA A 78 33.48 10.21 -9.32
CA ALA A 78 32.88 11.55 -9.52
C ALA A 78 31.95 11.60 -10.74
N GLU A 79 30.68 11.90 -10.51
CA GLU A 79 29.69 11.92 -11.58
C GLU A 79 28.79 13.14 -11.47
N PHE A 80 28.32 13.59 -12.63
CA PHE A 80 27.10 14.37 -12.69
C PHE A 80 25.93 13.40 -12.58
N PHE A 81 25.03 13.63 -11.63
CA PHE A 81 23.90 12.74 -11.43
C PHE A 81 22.58 13.30 -11.90
N ASP A 82 22.50 14.62 -12.07
CA ASP A 82 21.24 15.19 -12.50
C ASP A 82 21.52 16.40 -13.40
N VAL A 83 20.53 16.69 -14.24
CA VAL A 83 20.52 17.88 -15.09
C VAL A 83 19.06 18.23 -15.35
N LYS A 84 18.70 19.50 -15.17
CA LYS A 84 17.35 19.98 -15.40
C LYS A 84 17.43 21.41 -15.92
N PHE A 85 16.73 21.71 -17.03
CA PHE A 85 16.64 23.10 -17.45
C PHE A 85 15.57 23.82 -16.64
N TYR A 86 15.82 25.08 -16.34
CA TYR A 86 14.83 25.90 -15.66
C TYR A 86 13.55 25.97 -16.50
N PRO A 87 12.39 25.65 -15.92
CA PRO A 87 11.16 25.59 -16.73
C PRO A 87 10.23 26.79 -16.60
N TYR A 88 10.59 27.83 -15.86
CA TYR A 88 9.67 28.94 -15.61
C TYR A 88 10.13 30.23 -16.27
N SER A 89 10.88 30.10 -17.35
CA SER A 89 11.35 31.31 -18.00
C SER A 89 10.41 31.71 -19.15
N PRO A 90 10.25 33.01 -19.36
CA PRO A 90 9.28 33.45 -20.36
C PRO A 90 9.70 32.97 -21.73
N PRO A 91 8.73 32.66 -22.60
CA PRO A 91 9.02 31.96 -23.87
C PRO A 91 10.17 32.56 -24.66
N GLY A 92 11.03 31.69 -25.20
CA GLY A 92 12.20 32.15 -25.93
C GLY A 92 13.28 32.83 -25.12
N ALA A 93 13.24 32.74 -23.79
CA ALA A 93 14.37 33.19 -22.99
C ALA A 93 15.54 32.22 -23.16
N PRO A 94 16.77 32.71 -23.01
CA PRO A 94 17.92 31.81 -23.06
C PRO A 94 17.71 30.66 -22.10
N PRO A 95 17.88 29.42 -22.56
CA PRO A 95 17.70 28.27 -21.66
C PRO A 95 18.85 28.23 -20.67
N VAL A 96 18.52 27.87 -19.43
CA VAL A 96 19.51 27.76 -18.38
C VAL A 96 19.29 26.43 -17.68
N PHE A 97 20.35 25.63 -17.56
CA PHE A 97 20.24 24.35 -16.87
C PHE A 97 21.17 24.29 -15.68
N ALA A 98 20.83 23.43 -14.71
CA ALA A 98 21.73 23.12 -13.61
C ALA A 98 22.10 21.65 -13.66
N ALA A 99 23.40 21.39 -13.62
CA ALA A 99 23.93 20.03 -13.53
C ALA A 99 24.44 19.79 -12.11
N THR A 100 24.05 18.66 -11.53
CA THR A 100 24.33 18.38 -10.14
C THR A 100 25.38 17.28 -10.06
N SER A 101 26.51 17.59 -9.42
CA SER A 101 27.52 16.59 -9.14
C SER A 101 27.37 16.15 -7.69
N LYS A 102 28.31 15.38 -7.17
CA LYS A 102 28.15 14.96 -5.79
C LYS A 102 28.25 16.13 -4.83
N LYS A 103 28.98 17.20 -5.19
CA LYS A 103 29.11 18.34 -4.30
C LYS A 103 28.71 19.68 -4.90
N HIS A 104 28.41 19.77 -6.19
CA HIS A 104 28.21 21.07 -6.79
C HIS A 104 26.99 21.10 -7.70
N ALA A 105 26.43 22.30 -7.82
CA ALA A 105 25.44 22.63 -8.83
C ALA A 105 26.11 23.60 -9.79
N VAL A 106 26.23 23.18 -11.04
CA VAL A 106 26.78 24.02 -12.09
C VAL A 106 25.62 24.52 -12.95
N ILE A 107 25.53 25.84 -13.10
CA ILE A 107 24.37 26.48 -13.73
C ILE A 107 24.86 27.22 -14.96
N CYS A 108 24.47 26.73 -16.15
CA CYS A 108 24.89 27.33 -17.41
C CYS A 108 23.72 27.92 -18.16
N ARG A 109 23.97 29.05 -18.81
CA ARG A 109 23.12 29.53 -19.88
C ARG A 109 23.68 28.97 -21.17
N LEU A 110 22.79 28.60 -22.08
CA LEU A 110 23.17 28.18 -23.42
C LEU A 110 22.66 29.22 -24.41
N THR A 111 23.52 29.66 -25.32
CA THR A 111 23.14 30.64 -26.33
C THR A 111 23.63 30.15 -27.68
N GLN A 112 22.74 30.15 -28.67
CA GLN A 112 23.12 29.66 -29.99
C GLN A 112 24.11 30.60 -30.66
N THR A 113 24.89 30.03 -31.59
CA THR A 113 26.07 30.70 -32.11
C THR A 113 26.11 30.60 -33.62
N THR A 114 26.51 31.70 -34.28
CA THR A 114 26.86 31.60 -35.71
C THR A 114 28.23 30.97 -35.89
N ASP A 115 29.11 31.12 -34.91
CA ASP A 115 30.49 30.66 -34.98
C ASP A 115 30.57 29.21 -34.48
N LYS A 116 31.05 28.31 -35.35
CA LYS A 116 31.17 26.90 -35.00
C LYS A 116 32.18 26.68 -33.88
N ASP A 117 33.17 27.56 -33.74
CA ASP A 117 34.15 27.48 -32.67
C ASP A 117 33.77 28.36 -31.48
N ALA A 118 32.68 29.10 -31.56
CA ALA A 118 32.28 29.81 -30.35
C ALA A 118 31.77 28.79 -29.33
N ASN A 119 32.01 29.07 -28.05
CA ASN A 119 31.50 28.20 -26.99
C ASN A 119 30.12 28.70 -26.58
N PRO A 120 29.05 27.98 -26.92
CA PRO A 120 27.69 28.47 -26.60
C PRO A 120 27.38 28.50 -25.12
N CYS A 121 28.23 27.92 -24.29
CA CYS A 121 27.94 27.70 -22.90
C CYS A 121 28.56 28.82 -22.06
N GLU A 122 27.77 29.39 -21.16
CA GLU A 122 28.25 30.29 -20.12
C GLU A 122 27.87 29.71 -18.76
N ILE A 123 28.86 29.53 -17.89
CA ILE A 123 28.59 29.13 -16.51
C ILE A 123 28.35 30.39 -15.70
N ILE A 124 27.12 30.53 -15.17
CA ILE A 124 26.70 31.77 -14.53
C ILE A 124 26.62 31.66 -13.02
N GLN A 125 26.62 30.45 -12.47
CA GLN A 125 26.59 30.27 -11.03
C GLN A 125 27.18 28.91 -10.73
N LEU A 126 27.87 28.81 -9.61
CA LEU A 126 28.57 27.60 -9.22
C LEU A 126 28.46 27.50 -7.70
N ILE A 127 27.63 26.57 -7.24
CA ILE A 127 27.30 26.46 -5.83
C ILE A 127 27.83 25.14 -5.31
N ARG A 128 28.42 25.17 -4.13
CA ARG A 128 28.93 23.99 -3.47
C ARG A 128 28.11 23.71 -2.22
N ASP A 129 27.66 22.47 -2.07
CA ASP A 129 27.04 22.07 -0.83
C ASP A 129 28.12 21.98 0.25
N ASP A 130 28.18 23.00 1.11
CA ASP A 130 29.24 23.13 2.11
C ASP A 130 29.03 22.21 3.32
N GLY A 131 28.04 21.33 3.29
CA GLY A 131 27.85 20.35 4.35
C GLY A 131 28.52 19.04 3.99
N ASN A 132 28.03 17.97 4.63
CA ASN A 132 28.61 16.64 4.54
C ASN A 132 27.98 15.78 3.47
N GLU A 133 26.85 16.21 2.90
CA GLU A 133 26.06 15.39 1.99
C GLU A 133 26.77 15.23 0.65
N ALA A 134 26.59 14.06 0.02
CA ALA A 134 26.82 13.85 -1.41
C ALA A 134 25.48 13.79 -2.12
N ASN A 135 25.27 14.69 -3.08
CA ASN A 135 23.98 14.88 -3.71
C ASN A 135 23.87 14.09 -5.01
N CYS A 136 22.64 13.85 -5.40
CA CYS A 136 22.40 13.21 -6.68
C CYS A 136 21.05 13.57 -7.30
N ALA A 137 20.29 14.49 -6.72
CA ALA A 137 18.96 14.82 -7.22
C ALA A 137 18.75 16.32 -7.20
N SER A 138 17.99 16.82 -8.15
CA SER A 138 17.70 18.24 -8.16
C SER A 138 16.30 18.43 -8.75
N CYS A 139 15.68 19.55 -8.40
CA CYS A 139 14.55 20.01 -9.21
C CYS A 139 14.43 21.51 -9.00
N TRP A 140 13.65 22.15 -9.86
CA TRP A 140 13.47 23.59 -9.81
C TRP A 140 12.12 23.97 -9.20
N SER A 141 12.10 25.13 -8.55
CA SER A 141 10.89 25.75 -8.00
C SER A 141 11.11 27.26 -8.04
N LYS A 142 10.21 28.01 -7.39
CA LYS A 142 10.33 29.47 -7.36
C LYS A 142 9.99 29.99 -5.97
N ASP A 143 10.59 31.13 -5.61
CA ASP A 143 10.13 31.88 -4.44
C ASP A 143 8.67 32.29 -4.63
N PRO A 144 7.78 31.95 -3.68
CA PRO A 144 6.38 32.34 -3.85
C PRO A 144 6.16 33.85 -3.77
N ILE A 145 7.00 34.58 -3.03
CA ILE A 145 6.83 36.04 -2.98
C ILE A 145 7.51 36.70 -4.18
N THR A 146 8.81 36.48 -4.33
CA THR A 146 9.64 37.21 -5.27
C THR A 146 9.66 36.64 -6.68
N ASP A 147 9.26 35.38 -6.86
CA ASP A 147 9.31 34.66 -8.13
C ASP A 147 10.72 34.34 -8.63
N GLN A 148 11.78 34.50 -7.78
CA GLN A 148 13.09 34.19 -8.36
C GLN A 148 13.40 32.67 -8.27
N PRO A 149 14.26 32.17 -9.14
CA PRO A 149 14.45 30.71 -9.24
C PRO A 149 14.97 30.11 -7.95
N LEU A 150 14.49 28.91 -7.63
CA LEU A 150 14.94 28.11 -6.50
C LEU A 150 15.40 26.76 -7.05
N LEU A 151 16.60 26.35 -6.66
CA LEU A 151 17.12 25.03 -6.99
C LEU A 151 17.11 24.18 -5.73
N CYS A 152 16.43 23.04 -5.79
CA CYS A 152 16.44 22.06 -4.73
C CYS A 152 17.45 20.96 -5.07
N ILE A 153 18.29 20.64 -4.10
CA ILE A 153 19.36 19.67 -4.24
C ILE A 153 19.22 18.70 -3.09
N ALA A 154 19.30 17.41 -3.37
CA ALA A 154 19.16 16.45 -2.30
C ALA A 154 20.19 15.34 -2.42
N GLY A 155 20.52 14.74 -1.28
CA GLY A 155 21.56 13.76 -1.28
C GLY A 155 21.47 12.76 -0.15
N ASN A 156 22.61 12.11 0.10
CA ASN A 156 22.66 10.91 0.89
C ASN A 156 22.44 11.15 2.38
N GLU A 157 22.28 12.38 2.88
CA GLU A 157 21.96 12.56 4.29
C GLU A 157 20.46 12.61 4.56
N GLY A 158 19.63 12.71 3.53
CA GLY A 158 18.20 12.78 3.72
C GLY A 158 17.64 14.18 3.84
N ASN A 159 18.27 15.19 3.24
CA ASN A 159 17.80 16.56 3.35
C ASN A 159 17.73 17.20 1.98
N VAL A 160 16.71 18.02 1.76
CA VAL A 160 16.62 18.83 0.55
C VAL A 160 17.13 20.22 0.92
N LYS A 161 18.13 20.71 0.19
CA LYS A 161 18.57 22.09 0.34
C LYS A 161 17.88 22.86 -0.77
N VAL A 162 17.31 24.01 -0.43
CA VAL A 162 16.70 24.88 -1.43
C VAL A 162 17.58 26.11 -1.55
N TYR A 163 18.08 26.39 -2.75
CA TYR A 163 19.03 27.46 -2.99
C TYR A 163 18.38 28.58 -3.81
N ASN A 164 18.58 29.81 -3.36
CA ASN A 164 18.30 31.00 -4.16
C ASN A 164 19.50 31.17 -5.09
N VAL A 165 19.37 30.73 -6.35
CA VAL A 165 20.61 30.63 -7.13
C VAL A 165 21.03 31.97 -7.71
N THR A 166 20.10 32.90 -7.97
CA THR A 166 20.53 34.21 -8.46
C THR A 166 21.30 34.98 -7.40
N GLU A 167 21.02 34.74 -6.12
CA GLU A 167 21.77 35.40 -5.06
C GLU A 167 22.77 34.49 -4.37
N GLY A 168 22.84 33.21 -4.71
CA GLY A 168 23.78 32.34 -4.03
C GLY A 168 23.58 32.30 -2.53
N LYS A 169 22.35 32.04 -2.10
CA LYS A 169 22.03 31.90 -0.69
C LYS A 169 21.14 30.70 -0.48
N LEU A 170 21.19 30.14 0.73
CA LEU A 170 20.23 29.14 1.15
C LEU A 170 18.86 29.76 1.30
N TYR A 171 17.84 29.15 0.70
CA TYR A 171 16.46 29.54 0.94
C TYR A 171 15.88 28.79 2.15
N ARG A 172 15.95 27.46 2.17
CA ARG A 172 15.68 26.69 3.38
C ARG A 172 16.15 25.26 3.19
N THR A 173 16.04 24.47 4.26
CA THR A 173 16.32 23.05 4.28
C THR A 173 15.02 22.27 4.54
N LEU A 174 14.84 21.13 3.85
CA LEU A 174 13.68 20.25 4.05
C LEU A 174 14.14 18.94 4.69
N VAL A 175 13.74 18.75 5.94
CA VAL A 175 14.26 17.76 6.86
C VAL A 175 13.13 16.80 7.23
N GLY A 176 13.44 15.49 7.32
CA GLY A 176 12.42 14.56 7.79
C GLY A 176 12.57 13.14 7.26
N HIS A 177 13.16 13.00 6.07
CA HIS A 177 13.50 11.68 5.57
C HIS A 177 14.47 10.98 6.51
N GLY A 178 14.30 9.66 6.64
CA GLY A 178 15.19 8.85 7.44
C GLY A 178 16.30 8.19 6.65
N GLY A 179 16.56 8.70 5.46
CA GLY A 179 17.61 8.12 4.65
C GLY A 179 17.83 8.98 3.42
N GLY A 180 18.79 8.55 2.61
CA GLY A 180 19.20 9.35 1.48
C GLY A 180 18.07 9.54 0.49
N ILE A 181 18.10 10.69 -0.20
CA ILE A 181 17.13 11.01 -1.24
C ILE A 181 17.78 10.70 -2.58
N ASN A 182 17.12 9.92 -3.41
CA ASN A 182 17.68 9.61 -4.71
C ASN A 182 16.99 10.34 -5.85
N ASP A 183 15.84 10.98 -5.63
CA ASP A 183 15.14 11.62 -6.75
C ASP A 183 14.21 12.71 -6.25
N LEU A 184 14.01 13.71 -7.09
CA LEU A 184 13.23 14.91 -6.79
C LEU A 184 12.41 15.27 -8.01
N ALA A 185 11.20 15.76 -7.80
CA ALA A 185 10.33 16.16 -8.90
C ALA A 185 9.37 17.25 -8.44
N THR A 186 9.26 18.29 -9.25
CA THR A 186 8.29 19.36 -9.01
C THR A 186 6.98 19.04 -9.69
N SER A 187 5.87 19.36 -9.03
CA SER A 187 4.57 19.18 -9.66
C SER A 187 4.40 20.14 -10.83
N PRO A 188 4.05 19.65 -12.02
CA PRO A 188 3.71 20.57 -13.13
C PRO A 188 2.52 21.47 -12.82
N ALA A 189 1.63 21.05 -11.93
CA ALA A 189 0.44 21.83 -11.65
C ALA A 189 0.70 22.93 -10.64
N ASN A 190 1.75 22.81 -9.87
CA ASN A 190 2.00 23.74 -8.79
C ASN A 190 3.51 23.80 -8.58
N PRO A 191 4.16 24.91 -8.90
CA PRO A 191 5.63 24.96 -8.84
C PRO A 191 6.17 24.95 -7.42
N TYR A 192 5.31 25.04 -6.40
CA TYR A 192 5.77 25.03 -5.02
C TYR A 192 5.64 23.65 -4.37
N ILE A 193 5.22 22.64 -5.12
CA ILE A 193 5.03 21.29 -4.59
C ILE A 193 6.21 20.41 -5.08
N ILE A 194 6.93 19.82 -4.14
CA ILE A 194 8.10 18.98 -4.42
C ILE A 194 7.81 17.57 -3.92
N ALA A 195 8.25 16.55 -4.66
CA ALA A 195 8.26 15.16 -4.17
C ALA A 195 9.68 14.60 -4.06
N SER A 196 9.99 13.98 -2.90
CA SER A 196 11.27 13.33 -2.58
C SER A 196 11.05 11.83 -2.49
N ALA A 197 11.94 11.07 -3.13
CA ALA A 197 12.02 9.62 -3.01
C ALA A 197 13.30 9.24 -2.26
N SER A 198 13.17 8.35 -1.28
CA SER A 198 14.20 8.14 -0.29
C SER A 198 14.47 6.66 -0.04
N ASP A 199 15.72 6.38 0.42
CA ASP A 199 16.07 5.06 0.94
C ASP A 199 15.20 4.65 2.13
N ASP A 200 14.54 5.61 2.83
CA ASP A 200 13.64 5.23 3.92
C ASP A 200 12.30 4.59 3.40
N THR A 201 12.20 4.36 2.08
CA THR A 201 11.11 3.71 1.36
C THR A 201 9.86 4.57 1.20
N THR A 202 9.88 5.81 1.67
CA THR A 202 8.70 6.65 1.55
C THR A 202 8.93 7.72 0.50
N ILE A 203 7.82 8.31 0.04
CA ILE A 203 7.82 9.57 -0.69
C ILE A 203 7.32 10.65 0.25
N ARG A 204 7.98 11.80 0.28
CA ARG A 204 7.42 12.97 0.94
C ARG A 204 7.02 14.01 -0.10
N ILE A 205 5.86 14.62 0.08
CA ILE A 205 5.45 15.76 -0.73
C ILE A 205 5.67 16.99 0.13
N TRP A 206 6.42 17.96 -0.38
CA TRP A 206 6.69 19.19 0.34
C TRP A 206 6.04 20.36 -0.40
N SER A 207 5.68 21.40 0.35
CA SER A 207 5.13 22.64 -0.22
C SER A 207 5.99 23.81 0.21
N LEU A 208 6.40 24.64 -0.75
CA LEU A 208 7.11 25.88 -0.43
C LEU A 208 6.16 27.10 -0.33
N ALA A 209 4.85 26.87 -0.29
CA ALA A 209 3.92 28.00 -0.17
C ALA A 209 4.05 28.65 1.21
N PRO A 210 3.74 29.93 1.33
CA PRO A 210 3.89 30.61 2.63
C PRO A 210 3.11 29.99 3.77
N GLU A 211 1.87 29.56 3.52
CA GLU A 211 1.10 28.96 4.61
C GLU A 211 1.76 27.70 5.16
N HIS A 212 2.69 27.07 4.45
CA HIS A 212 3.26 25.81 4.91
C HIS A 212 4.66 25.92 5.51
N GLU A 213 5.16 27.14 5.74
CA GLU A 213 6.56 27.30 6.13
C GLU A 213 6.87 26.65 7.48
N LYS A 214 5.96 26.70 8.44
CA LYS A 214 6.28 26.12 9.75
C LYS A 214 6.24 24.58 9.75
N GLN A 215 5.67 23.93 8.72
CA GLN A 215 5.64 22.48 8.62
C GLN A 215 5.44 22.11 7.15
N PRO A 216 6.49 22.07 6.35
CA PRO A 216 6.30 21.98 4.89
C PRO A 216 6.11 20.58 4.34
N CYS A 217 6.08 19.53 5.16
CA CYS A 217 5.71 18.22 4.66
C CYS A 217 4.18 18.09 4.68
N VAL A 218 3.56 18.14 3.49
CA VAL A 218 2.10 18.07 3.41
C VAL A 218 1.59 16.67 3.17
N CYS A 219 2.47 15.71 2.84
CA CYS A 219 2.01 14.36 2.56
C CYS A 219 3.17 13.36 2.61
N ILE A 220 2.91 12.19 3.18
CA ILE A 220 3.80 11.03 3.13
C ILE A 220 3.09 9.88 2.44
N LEU A 221 3.75 9.27 1.46
CA LEU A 221 3.23 8.09 0.78
C LEU A 221 3.91 6.90 1.45
N GLY A 222 3.19 6.25 2.37
CA GLY A 222 3.83 5.30 3.25
C GLY A 222 3.23 3.92 3.10
N GLY A 223 2.78 3.32 4.21
CA GLY A 223 2.14 2.01 4.16
C GLY A 223 3.11 0.91 3.77
N GLU A 224 2.59 -0.11 3.11
CA GLU A 224 3.44 -1.23 2.71
C GLU A 224 3.65 -1.32 1.20
N GLY A 225 3.31 -0.28 0.44
CA GLY A 225 3.48 -0.36 -1.00
C GLY A 225 4.93 -0.50 -1.45
N HIS A 226 5.87 -0.07 -0.62
CA HIS A 226 7.29 -0.19 -0.91
C HIS A 226 7.99 -0.79 0.30
N SER A 227 9.04 -1.55 0.03
CA SER A 227 9.75 -2.20 1.11
C SER A 227 11.26 -2.03 1.02
N TYR A 228 11.77 -1.33 0.01
CA TYR A 228 13.20 -1.04 -0.05
C TYR A 228 13.40 0.32 -0.73
N ASP A 229 14.66 0.68 -0.90
CA ASP A 229 15.05 2.04 -1.35
C ASP A 229 14.37 2.44 -2.65
N LEU A 230 13.80 3.66 -2.66
CA LEU A 230 13.18 4.24 -3.84
C LEU A 230 14.19 4.98 -4.70
N LEU A 231 14.13 4.77 -6.02
CA LEU A 231 15.05 5.45 -6.90
C LEU A 231 14.42 6.51 -7.79
N SER A 232 13.10 6.52 -7.94
CA SER A 232 12.48 7.37 -8.95
C SER A 232 11.10 7.78 -8.48
N VAL A 233 10.77 9.06 -8.67
CA VAL A 233 9.44 9.59 -8.36
C VAL A 233 9.02 10.52 -9.50
N ALA A 234 7.75 10.48 -9.90
CA ALA A 234 7.36 11.33 -11.02
C ALA A 234 5.93 11.80 -10.85
N PHE A 235 5.68 13.02 -11.30
CA PHE A 235 4.36 13.62 -11.30
C PHE A 235 3.66 13.42 -12.64
N HIS A 236 2.35 13.23 -12.59
CA HIS A 236 1.51 13.41 -13.77
C HIS A 236 1.28 14.91 -14.02
N ASP A 237 0.98 15.27 -15.27
CA ASP A 237 0.84 16.71 -15.54
C ASP A 237 -0.26 17.36 -14.70
N ASN A 238 -1.29 16.60 -14.29
CA ASN A 238 -2.33 17.21 -13.46
C ASN A 238 -1.88 17.42 -12.02
N GLY A 239 -0.71 16.92 -11.62
CA GLY A 239 -0.20 17.17 -10.29
C GLY A 239 -0.78 16.33 -9.18
N ARG A 240 -1.69 15.40 -9.45
CA ARG A 240 -2.27 14.59 -8.38
C ARG A 240 -1.91 13.12 -8.44
N TYR A 241 -1.26 12.65 -9.49
CA TYR A 241 -0.86 11.26 -9.59
C TYR A 241 0.65 11.22 -9.55
N VAL A 242 1.19 10.36 -8.70
CA VAL A 242 2.62 10.26 -8.53
C VAL A 242 3.02 8.82 -8.79
N LEU A 243 4.09 8.63 -9.56
CA LEU A 243 4.71 7.32 -9.75
C LEU A 243 5.94 7.20 -8.87
N SER A 244 6.12 6.03 -8.26
CA SER A 244 7.29 5.73 -7.43
C SER A 244 7.81 4.34 -7.77
N ALA A 245 9.12 4.19 -7.66
CA ALA A 245 9.73 2.90 -8.00
C ALA A 245 11.15 2.80 -7.44
N GLY A 246 11.59 1.55 -7.26
CA GLY A 246 12.93 1.30 -6.78
C GLY A 246 13.43 -0.13 -6.69
N HIS A 247 14.27 -0.37 -5.68
CA HIS A 247 14.98 -1.63 -5.57
C HIS A 247 14.04 -2.80 -5.34
N ASP A 248 12.87 -2.54 -4.75
CA ASP A 248 11.90 -3.62 -4.55
C ASP A 248 11.17 -3.99 -5.83
N GLN A 249 11.50 -3.36 -6.97
CA GLN A 249 10.93 -3.69 -8.28
C GLN A 249 9.45 -3.41 -8.38
N VAL A 250 8.90 -2.62 -7.45
CA VAL A 250 7.49 -2.26 -7.47
C VAL A 250 7.36 -0.88 -8.09
N ILE A 251 6.44 -0.74 -9.03
CA ILE A 251 6.02 0.55 -9.52
C ILE A 251 4.66 0.84 -8.90
N ASN A 252 4.53 1.98 -8.24
CA ASN A 252 3.28 2.39 -7.58
C ASN A 252 2.78 3.72 -8.16
N LEU A 253 1.46 3.81 -8.31
CA LEU A 253 0.80 5.04 -8.71
C LEU A 253 -0.09 5.46 -7.56
N TRP A 254 0.13 6.66 -7.06
CA TRP A 254 -0.62 7.19 -5.94
C TRP A 254 -1.45 8.39 -6.40
N ALA A 255 -2.58 8.60 -5.75
CA ALA A 255 -3.44 9.74 -6.01
C ALA A 255 -3.34 10.67 -4.81
N LEU A 256 -2.77 11.85 -5.01
CA LEU A 256 -2.66 12.77 -3.88
C LEU A 256 -4.01 13.45 -3.61
N PRO A 257 -4.33 13.74 -2.36
CA PRO A 257 -5.48 14.60 -2.07
C PRO A 257 -5.16 16.05 -2.39
N GLU A 258 -6.21 16.86 -2.42
CA GLU A 258 -5.98 18.30 -2.42
C GLU A 258 -5.51 18.71 -1.03
N PHE A 259 -4.60 19.66 -0.98
CA PHE A 259 -4.00 19.99 0.30
C PHE A 259 -4.53 21.34 0.79
N PRO A 260 -4.85 21.47 2.07
CA PRO A 260 -5.43 22.73 2.55
C PRO A 260 -4.50 23.91 2.33
N ASN A 261 -5.11 25.05 1.99
CA ASN A 261 -4.43 26.33 1.83
C ASN A 261 -4.06 26.96 3.17
N GLU A 262 -3.59 26.16 4.11
CA GLU A 262 -3.29 26.66 5.45
C GLU A 262 -2.35 25.71 6.14
N HIS A 263 -1.92 26.11 7.34
CA HIS A 263 -0.96 25.34 8.10
C HIS A 263 -1.45 23.92 8.34
N MET A 264 -0.54 22.95 8.26
CA MET A 264 -0.84 21.54 8.46
C MET A 264 0.04 21.05 9.60
N GLU A 265 -0.60 20.79 10.74
CA GLU A 265 0.13 20.25 11.88
C GLU A 265 0.89 18.99 11.49
N ILE A 266 0.20 18.04 10.87
CA ILE A 266 0.88 16.83 10.40
C ILE A 266 0.64 16.69 8.91
N PRO A 267 1.57 16.07 8.18
CA PRO A 267 1.28 15.74 6.78
C PRO A 267 0.19 14.67 6.73
N ILE A 268 -0.52 14.67 5.61
CA ILE A 268 -1.48 13.60 5.32
C ILE A 268 -0.72 12.34 4.94
N VAL A 269 -1.13 11.20 5.49
CA VAL A 269 -0.48 9.93 5.22
C VAL A 269 -1.35 9.12 4.28
N ILE A 270 -0.74 8.58 3.24
CA ILE A 270 -1.42 7.68 2.33
C ILE A 270 -0.82 6.30 2.50
N TYR A 271 -1.66 5.32 2.70
CA TYR A 271 -1.18 4.00 3.03
C TYR A 271 -1.23 3.04 1.85
N TYR A 272 -1.99 3.37 0.80
CA TYR A 272 -2.27 2.46 -0.36
C TYR A 272 -2.14 3.23 -1.66
N PRO A 273 -1.29 2.77 -2.58
CA PRO A 273 -1.35 3.25 -3.96
C PRO A 273 -2.62 2.77 -4.61
N HIS A 274 -3.04 3.50 -5.64
CA HIS A 274 -4.20 3.09 -6.41
C HIS A 274 -3.88 2.06 -7.50
N PHE A 275 -2.63 2.01 -7.96
CA PHE A 275 -2.16 0.93 -8.83
C PHE A 275 -0.81 0.50 -8.29
N SER A 276 -0.56 -0.81 -8.28
CA SER A 276 0.71 -1.28 -7.77
C SER A 276 1.08 -2.57 -8.50
N SER A 277 2.25 -2.60 -9.15
CA SER A 277 2.70 -3.87 -9.70
C SER A 277 4.21 -4.00 -9.65
N SER A 278 4.65 -5.25 -9.48
CA SER A 278 6.06 -5.61 -9.55
C SER A 278 6.34 -6.48 -10.77
N GLU A 279 5.42 -6.52 -11.72
CA GLU A 279 5.50 -7.50 -12.79
C GLU A 279 5.84 -6.90 -14.15
N ILE A 280 5.92 -5.57 -14.26
CA ILE A 280 6.30 -4.96 -15.53
C ILE A 280 7.77 -5.27 -15.82
N HIS A 281 8.61 -5.22 -14.80
CA HIS A 281 10.01 -5.53 -14.92
C HIS A 281 10.34 -6.73 -14.05
N ASN A 282 11.49 -7.32 -14.32
CA ASN A 282 11.99 -8.44 -13.54
C ASN A 282 13.18 -8.05 -12.69
N ASN A 283 13.42 -6.76 -12.49
CA ASN A 283 14.60 -6.29 -11.80
C ASN A 283 14.26 -4.96 -11.13
N LEU A 284 15.23 -4.43 -10.39
CA LEU A 284 15.12 -3.09 -9.80
C LEU A 284 14.75 -2.06 -10.87
N VAL A 285 13.78 -1.22 -10.54
CA VAL A 285 13.30 -0.18 -11.45
C VAL A 285 13.96 1.12 -11.03
N ASP A 286 14.76 1.72 -11.91
CA ASP A 286 15.45 2.95 -11.50
C ASP A 286 14.95 4.22 -12.19
N CYS A 287 13.93 4.16 -13.04
CA CYS A 287 13.42 5.37 -13.66
C CYS A 287 12.00 5.15 -14.17
N VAL A 288 11.14 6.13 -13.92
CA VAL A 288 9.71 5.99 -14.25
C VAL A 288 9.17 7.38 -14.56
N ALA A 289 8.23 7.44 -15.50
CA ALA A 289 7.69 8.74 -15.90
C ALA A 289 6.35 8.54 -16.58
N PHE A 290 5.49 9.54 -16.41
CA PHE A 290 4.31 9.63 -17.26
C PHE A 290 4.69 10.24 -18.58
N TYR A 291 4.14 9.67 -19.64
CA TYR A 291 4.04 10.27 -20.97
C TYR A 291 2.53 10.44 -21.22
N GLY A 292 2.03 11.65 -20.97
CA GLY A 292 0.59 11.83 -20.91
C GLY A 292 -0.03 10.99 -19.79
N ASP A 293 -0.86 10.02 -20.18
CA ASP A 293 -1.36 8.98 -19.26
C ASP A 293 -0.68 7.64 -19.51
N LEU A 294 0.19 7.54 -20.49
CA LEU A 294 0.99 6.34 -20.65
C LEU A 294 2.17 6.42 -19.70
N ILE A 295 2.90 5.31 -19.55
CA ILE A 295 3.96 5.21 -18.55
C ILE A 295 5.22 4.68 -19.22
N LEU A 296 6.36 5.33 -18.93
CA LEU A 296 7.66 4.88 -19.37
C LEU A 296 8.42 4.44 -18.13
N SER A 297 9.12 3.31 -18.24
CA SER A 297 9.85 2.83 -17.09
C SER A 297 11.00 1.96 -17.56
N ARG A 298 12.00 1.89 -16.71
CA ARG A 298 13.24 1.25 -17.06
C ARG A 298 13.74 0.49 -15.83
N ALA A 299 14.25 -0.72 -16.06
CA ALA A 299 14.87 -1.50 -15.00
C ALA A 299 16.30 -1.93 -15.37
N CYS A 300 17.06 -2.27 -14.34
CA CYS A 300 18.40 -2.81 -14.48
C CYS A 300 18.38 -4.18 -15.20
N HIS A 301 19.47 -4.44 -15.94
CA HIS A 301 19.71 -5.71 -16.65
C HIS A 301 18.87 -5.89 -17.91
N GLU A 302 17.90 -5.02 -18.19
CA GLU A 302 16.94 -5.31 -19.24
C GLU A 302 17.26 -4.65 -20.57
N ASP A 303 18.03 -3.57 -20.58
CA ASP A 303 18.42 -2.85 -21.79
C ASP A 303 17.22 -2.36 -22.60
N THR A 304 16.11 -2.03 -21.93
CA THR A 304 14.94 -1.46 -22.58
C THR A 304 14.35 -0.34 -21.74
N ILE A 305 13.76 0.63 -22.42
CA ILE A 305 12.77 1.52 -21.83
C ILE A 305 11.40 1.01 -22.27
N VAL A 306 10.55 0.67 -21.31
CA VAL A 306 9.25 0.06 -21.59
C VAL A 306 8.18 1.15 -21.59
N LEU A 307 7.44 1.24 -22.68
CA LEU A 307 6.21 2.01 -22.69
C LEU A 307 5.06 1.05 -22.38
N TRP A 308 4.20 1.43 -21.45
CA TRP A 308 3.11 0.54 -21.08
C TRP A 308 1.95 1.39 -20.56
N ARG A 309 0.88 0.71 -20.17
CA ARG A 309 -0.38 1.38 -19.88
C ARG A 309 -1.08 0.66 -18.73
N ILE A 310 -1.61 1.44 -17.79
CA ILE A 310 -2.50 0.92 -16.77
C ILE A 310 -3.92 0.87 -17.33
N GLU A 311 -4.51 -0.32 -17.35
CA GLU A 311 -5.85 -0.49 -17.88
C GLU A 311 -6.86 0.28 -17.03
N GLY A 312 -7.74 1.02 -17.72
CA GLY A 312 -8.77 1.79 -17.06
C GLY A 312 -8.34 3.11 -16.47
N PHE A 313 -7.10 3.53 -16.67
CA PHE A 313 -6.62 4.79 -16.13
C PHE A 313 -6.80 5.89 -17.16
N SER A 314 -7.51 6.95 -16.77
CA SER A 314 -7.59 8.14 -17.60
C SER A 314 -7.59 9.37 -16.72
N SER A 315 -6.89 10.42 -17.16
CA SER A 315 -6.86 11.60 -16.32
C SER A 315 -8.06 12.50 -16.55
N ASP A 316 -8.94 12.17 -17.50
CA ASP A 316 -10.22 12.85 -17.61
C ASP A 316 -11.21 12.43 -16.54
N ASP A 317 -11.07 11.23 -16.00
CA ASP A 317 -11.94 10.78 -14.93
C ASP A 317 -11.62 11.54 -13.65
N PRO A 318 -12.58 11.65 -12.75
CA PRO A 318 -12.33 12.26 -11.45
C PRO A 318 -11.25 11.51 -10.69
N ILE A 319 -10.62 12.22 -9.76
CA ILE A 319 -9.49 11.69 -9.00
C ILE A 319 -10.03 10.89 -7.83
N PRO A 320 -9.69 9.60 -7.71
CA PRO A 320 -10.19 8.80 -6.60
C PRO A 320 -9.60 9.27 -5.29
N GLY A 321 -10.38 9.12 -4.20
CA GLY A 321 -9.86 9.40 -2.89
C GLY A 321 -9.09 8.23 -2.30
N PRO A 322 -8.47 8.48 -1.14
CA PRO A 322 -7.66 7.43 -0.49
C PRO A 322 -8.39 6.13 -0.23
N LEU A 323 -9.66 6.18 0.20
CA LEU A 323 -10.31 4.93 0.54
C LEU A 323 -10.82 4.18 -0.69
N ASP A 324 -10.60 4.71 -1.88
CA ASP A 324 -10.86 3.98 -3.12
C ASP A 324 -9.75 3.00 -3.45
N ALA A 325 -8.62 3.07 -2.77
CA ALA A 325 -7.47 2.30 -3.16
C ALA A 325 -7.70 0.81 -2.87
N PRO A 326 -7.14 -0.08 -3.68
CA PRO A 326 -7.24 -1.50 -3.37
C PRO A 326 -6.31 -1.86 -2.22
N THR A 327 -6.71 -2.83 -1.44
CA THR A 327 -5.84 -3.25 -0.35
C THR A 327 -5.35 -4.67 -0.59
N PRO A 328 -4.18 -5.01 -0.04
CA PRO A 328 -3.59 -6.33 -0.34
C PRO A 328 -4.28 -7.46 0.40
N THR A 329 -5.43 -7.89 -0.10
CA THR A 329 -6.15 -8.96 0.59
C THR A 329 -5.69 -10.34 0.17
N ASP A 330 -5.05 -10.46 -0.99
CA ASP A 330 -4.55 -11.73 -1.51
C ASP A 330 -3.03 -11.60 -1.65
N MET A 331 -2.30 -12.23 -0.73
CA MET A 331 -0.86 -11.98 -0.71
C MET A 331 -0.10 -12.64 -1.85
N THR A 332 -0.77 -13.32 -2.80
CA THR A 332 -0.08 -13.87 -3.96
C THR A 332 -0.19 -13.01 -5.20
N LYS A 333 -1.03 -11.97 -5.17
CA LYS A 333 -1.20 -11.09 -6.33
C LYS A 333 -0.10 -10.07 -6.35
N GLN A 334 0.59 -9.98 -7.48
CA GLN A 334 1.72 -9.07 -7.62
C GLN A 334 1.35 -7.81 -8.37
N THR A 335 0.06 -7.66 -8.68
CA THR A 335 -0.49 -6.49 -9.32
C THR A 335 -1.87 -6.30 -8.70
N ARG A 336 -2.17 -5.08 -8.25
CA ARG A 336 -3.53 -4.73 -7.88
C ARG A 336 -3.78 -3.32 -8.40
N SER A 337 -5.05 -2.99 -8.64
CA SER A 337 -5.31 -1.69 -9.25
C SER A 337 -6.76 -1.25 -8.98
N TYR A 338 -6.92 0.03 -8.65
CA TYR A 338 -8.26 0.57 -8.55
C TYR A 338 -8.93 0.71 -9.91
N PHE A 339 -8.15 0.81 -10.98
CA PHE A 339 -8.66 1.31 -12.25
C PHE A 339 -9.28 0.24 -13.15
N THR A 340 -9.11 -1.06 -12.84
CA THR A 340 -9.54 -2.09 -13.78
C THR A 340 -11.04 -2.01 -14.03
N PRO A 341 -11.48 -2.12 -15.31
CA PRO A 341 -12.87 -2.27 -15.75
C PRO A 341 -13.63 -3.34 -14.98
N SER A 347 -14.06 -12.91 -18.90
CA SER A 347 -12.61 -13.01 -18.93
C SER A 347 -11.92 -11.94 -18.09
N ARG A 348 -10.98 -12.35 -17.26
CA ARG A 348 -10.23 -11.40 -16.45
C ARG A 348 -9.24 -10.62 -17.32
N PRO A 349 -9.26 -9.30 -17.25
CA PRO A 349 -8.37 -8.51 -18.10
C PRO A 349 -7.01 -8.33 -17.44
N ALA A 350 -6.04 -7.99 -18.27
CA ALA A 350 -4.81 -7.43 -17.75
C ALA A 350 -5.15 -6.17 -16.95
N MET A 351 -4.42 -5.96 -15.86
CA MET A 351 -4.49 -4.67 -15.23
C MET A 351 -3.50 -3.68 -15.83
N PHE A 352 -2.54 -4.17 -16.61
CA PHE A 352 -1.63 -3.31 -17.35
C PHE A 352 -1.39 -3.95 -18.71
N THR A 353 -0.94 -3.15 -19.67
CA THR A 353 -0.62 -3.64 -21.00
C THR A 353 0.73 -3.09 -21.43
N ARG A 354 1.64 -4.00 -21.77
CA ARG A 354 2.90 -3.59 -22.37
C ARG A 354 2.62 -3.12 -23.80
N LEU A 355 3.04 -1.90 -24.10
CA LEU A 355 2.85 -1.32 -25.43
C LEU A 355 4.11 -1.47 -26.28
N ALA A 356 5.24 -0.96 -25.82
CA ALA A 356 6.43 -1.02 -26.65
C ALA A 356 7.66 -0.95 -25.76
N GLN A 357 8.77 -1.43 -26.30
CA GLN A 357 10.06 -1.41 -25.62
C GLN A 357 11.09 -0.78 -26.54
N PHE A 358 11.53 0.42 -26.19
CA PHE A 358 12.71 1.02 -26.81
C PHE A 358 13.96 0.26 -26.41
N HIS A 359 14.81 -0.05 -27.39
CA HIS A 359 16.03 -0.82 -27.17
C HIS A 359 17.18 0.12 -26.81
N THR A 360 17.81 -0.12 -25.66
CA THR A 360 18.94 0.68 -25.19
C THR A 360 20.07 -0.30 -24.91
N PRO A 361 20.73 -0.79 -25.95
CA PRO A 361 21.78 -1.80 -25.73
C PRO A 361 22.90 -1.29 -24.83
N ASP A 362 23.49 -2.22 -24.09
CA ASP A 362 24.70 -1.99 -23.32
C ASP A 362 24.46 -1.05 -22.15
N CYS A 363 23.51 -1.39 -21.31
CA CYS A 363 23.49 -0.79 -19.99
C CYS A 363 24.18 -1.66 -18.95
N GLY A 364 24.53 -2.90 -19.32
CA GLY A 364 25.22 -3.78 -18.41
C GLY A 364 24.47 -3.95 -17.09
N VAL A 365 25.22 -3.94 -16.01
CA VAL A 365 24.66 -4.06 -14.67
C VAL A 365 24.49 -2.69 -14.07
N GLN A 366 24.74 -1.63 -14.85
CA GLN A 366 24.59 -0.26 -14.35
C GLN A 366 23.15 0.06 -14.02
N PHE A 367 22.93 0.77 -12.92
CA PHE A 367 21.61 1.27 -12.62
C PHE A 367 21.72 2.70 -12.11
N PHE A 368 20.56 3.32 -11.92
CA PHE A 368 20.46 4.76 -11.76
C PHE A 368 20.89 5.47 -13.04
N MET A 369 20.24 5.14 -14.15
CA MET A 369 20.41 5.80 -15.44
C MET A 369 19.03 6.24 -15.91
N ARG A 370 18.87 7.53 -16.19
CA ARG A 370 17.54 8.10 -16.42
C ARG A 370 17.35 8.59 -17.85
N PHE A 371 16.14 8.42 -18.37
CA PHE A 371 15.74 8.94 -19.68
C PHE A 371 14.90 10.19 -19.47
N ARG A 372 14.67 10.92 -20.57
CA ARG A 372 13.77 12.06 -20.56
C ARG A 372 13.09 12.21 -21.90
N MET A 373 11.76 12.26 -21.88
CA MET A 373 10.98 12.58 -23.05
C MET A 373 10.84 14.09 -23.16
N TYR A 374 11.09 14.63 -24.36
CA TYR A 374 10.77 16.02 -24.67
C TYR A 374 9.34 16.08 -25.21
N HIS A 375 8.43 16.79 -24.53
CA HIS A 375 7.01 16.70 -24.81
C HIS A 375 6.34 18.07 -24.68
N VAL A 376 6.09 18.73 -25.80
CA VAL A 376 5.67 20.12 -25.81
C VAL A 376 4.65 20.29 -26.93
N PRO A 377 3.64 21.15 -26.80
CA PRO A 377 2.68 21.31 -27.91
C PRO A 377 3.36 21.73 -29.21
N GLY A 378 2.87 21.17 -30.32
CA GLY A 378 3.35 21.63 -31.60
C GLY A 378 4.78 21.28 -31.93
N LYS A 379 5.39 20.33 -31.23
CA LYS A 379 6.70 19.82 -31.59
C LYS A 379 6.74 18.32 -31.36
N HIS A 380 7.65 17.65 -32.05
CA HIS A 380 7.71 16.21 -31.99
C HIS A 380 8.18 15.75 -30.61
N PRO A 381 7.55 14.72 -30.05
CA PRO A 381 8.08 14.12 -28.81
C PRO A 381 9.35 13.32 -29.08
N ILE A 382 10.39 13.59 -28.31
CA ILE A 382 11.68 12.93 -28.49
C ILE A 382 12.09 12.25 -27.19
N LEU A 383 12.38 10.95 -27.28
CA LEU A 383 12.88 10.18 -26.15
C LEU A 383 14.39 10.16 -26.26
N ALA A 384 15.06 10.53 -25.17
CA ALA A 384 16.52 10.57 -25.12
C ALA A 384 17.02 9.76 -23.93
N PHE A 385 18.12 9.04 -24.16
CA PHE A 385 18.72 8.22 -23.12
C PHE A 385 20.14 7.86 -23.55
N ALA A 386 21.05 7.81 -22.58
CA ALA A 386 22.44 7.44 -22.82
C ALA A 386 22.77 6.17 -22.05
N ASN A 387 23.52 5.28 -22.65
CA ASN A 387 23.71 3.99 -22.01
C ASN A 387 24.99 4.01 -21.16
N ALA A 388 25.55 2.84 -20.89
CA ALA A 388 26.76 2.72 -20.09
C ALA A 388 27.97 2.40 -20.93
N LYS A 389 27.89 2.64 -22.23
CA LYS A 389 28.96 2.31 -23.14
C LYS A 389 29.06 3.39 -24.19
N SER A 390 28.99 4.65 -23.76
CA SER A 390 29.39 5.80 -24.58
C SER A 390 28.48 6.02 -25.80
N LYS A 391 27.17 5.80 -25.63
CA LYS A 391 26.22 6.05 -26.72
C LYS A 391 25.02 6.81 -26.20
N THR A 392 24.53 7.76 -27.00
CA THR A 392 23.30 8.45 -26.70
C THR A 392 22.28 8.08 -27.76
N PHE A 393 21.08 7.70 -27.33
CA PHE A 393 20.03 7.24 -28.21
C PHE A 393 18.90 8.26 -28.26
N PHE A 394 18.31 8.43 -29.43
CA PHE A 394 17.14 9.27 -29.63
C PHE A 394 16.04 8.53 -30.37
N TRP A 395 14.80 8.79 -29.98
CA TRP A 395 13.65 8.37 -30.77
C TRP A 395 12.77 9.59 -31.00
N ASP A 396 12.41 9.82 -32.27
CA ASP A 396 11.35 10.76 -32.60
C ASP A 396 10.06 9.97 -32.62
N LEU A 397 9.14 10.35 -31.74
CA LEU A 397 7.91 9.59 -31.60
C LEU A 397 6.96 9.84 -32.78
N ALA A 398 7.01 11.02 -33.39
CA ALA A 398 6.17 11.29 -34.56
C ALA A 398 6.57 10.46 -35.78
N ARG A 399 7.80 9.93 -35.81
CA ARG A 399 8.18 9.05 -36.91
C ARG A 399 7.41 7.75 -36.92
N PHE A 400 6.91 7.32 -35.76
CA PHE A 400 6.20 6.05 -35.69
C PHE A 400 4.93 6.10 -36.54
N GLY A 401 4.16 7.18 -36.40
CA GLY A 401 2.96 7.32 -37.19
C GLY A 401 3.25 7.59 -38.65
N GLU A 402 4.21 8.48 -38.92
CA GLU A 402 4.59 8.77 -40.30
C GLU A 402 4.96 7.49 -41.03
N TYR A 403 5.67 6.60 -40.33
CA TYR A 403 6.05 5.35 -40.95
C TYR A 403 4.83 4.47 -41.17
N ALA A 404 3.87 4.50 -40.24
CA ALA A 404 2.67 3.70 -40.41
C ALA A 404 1.85 4.18 -41.58
N ARG A 405 1.74 5.51 -41.74
CA ARG A 405 1.01 6.07 -42.88
C ARG A 405 1.67 5.72 -44.19
N PHE A 406 2.99 5.94 -44.29
CA PHE A 406 3.67 5.69 -45.54
C PHE A 406 3.59 4.21 -45.94
N MET A 407 3.70 3.31 -44.95
CA MET A 407 3.56 1.88 -45.26
C MET A 407 2.12 1.50 -45.56
N ALA A 408 1.15 2.28 -45.06
CA ALA A 408 -0.24 2.03 -45.42
C ALA A 408 -0.49 2.45 -46.86
N ASP A 409 -0.10 3.68 -47.21
CA ASP A 409 -0.22 4.15 -48.59
C ASP A 409 0.50 3.23 -49.55
N LEU A 410 1.59 2.58 -49.10
CA LEU A 410 2.37 1.71 -49.98
C LEU A 410 1.59 0.44 -50.33
N LYS A 411 1.09 -0.28 -49.33
CA LYS A 411 0.36 -1.52 -49.62
C LYS A 411 -0.96 -1.23 -50.32
N GLU A 412 -1.65 -0.15 -49.93
CA GLU A 412 -2.89 0.21 -50.62
C GLU A 412 -2.61 0.58 -52.08
N ALA A 413 -1.43 1.11 -52.37
CA ALA A 413 -1.11 1.44 -53.75
C ALA A 413 -0.56 0.23 -54.51
N GLN A 414 0.06 -0.73 -53.82
CA GLN A 414 0.51 -1.94 -54.51
C GLN A 414 -0.65 -2.86 -54.88
N GLN A 415 -1.81 -2.72 -54.23
CA GLN A 415 -2.97 -3.53 -54.61
C GLN A 415 -3.80 -2.85 -55.69
N SER A 416 -3.98 -1.53 -55.61
CA SER A 416 -4.74 -0.84 -56.63
C SER A 416 -3.97 -0.64 -57.93
N TYR A 417 -2.67 -0.94 -57.97
CA TYR A 417 -1.87 -0.65 -59.15
C TYR A 417 -0.85 -1.76 -59.45
N ASN A 418 -1.12 -3.00 -59.04
CA ASN A 418 -0.40 -4.18 -59.52
C ASN A 418 1.12 -4.08 -59.33
N GLY A 419 1.59 -3.22 -58.44
CA GLY A 419 3.00 -2.99 -58.29
C GLY A 419 3.53 -1.78 -59.03
N ARG A 420 2.76 -1.25 -59.99
CA ARG A 420 3.14 0.01 -60.66
C ARG A 420 2.93 1.14 -59.65
N VAL A 421 3.91 1.26 -58.75
CA VAL A 421 3.91 2.31 -57.75
C VAL A 421 5.30 2.93 -57.72
N VAL A 422 5.34 4.25 -57.56
CA VAL A 422 6.56 5.02 -57.61
C VAL A 422 6.68 5.82 -56.31
N VAL A 423 7.73 5.54 -55.52
CA VAL A 423 7.99 6.25 -54.28
C VAL A 423 8.76 7.51 -54.60
N VAL A 424 8.56 8.54 -53.77
CA VAL A 424 9.11 9.86 -54.04
C VAL A 424 9.40 10.53 -52.69
N ASP A 425 10.59 11.11 -52.56
CA ASP A 425 10.97 11.78 -51.32
C ASP A 425 10.15 13.07 -51.14
N GLN A 426 9.48 13.18 -50.00
CA GLN A 426 8.84 14.45 -49.66
C GLN A 426 9.90 15.47 -49.28
N GLY A 427 9.44 16.65 -48.87
CA GLY A 427 10.33 17.68 -48.42
C GLY A 427 11.31 18.23 -49.43
N GLN A 428 11.25 17.79 -50.69
CA GLN A 428 11.95 18.45 -51.78
C GLN A 428 11.06 19.53 -52.36
N GLY A 429 11.42 20.08 -53.52
CA GLY A 429 10.51 20.95 -54.22
C GLY A 429 9.48 20.17 -55.02
N ILE A 430 8.64 19.40 -54.32
CA ILE A 430 7.71 18.49 -54.95
C ILE A 430 6.36 18.57 -54.25
N SER A 431 5.37 17.91 -54.86
CA SER A 431 4.08 17.71 -54.24
C SER A 431 3.45 16.47 -54.86
N LEU A 432 2.59 15.78 -54.12
CA LEU A 432 1.91 14.62 -54.68
C LEU A 432 0.86 15.32 -55.50
N ALA A 433 1.30 15.69 -56.71
CA ALA A 433 0.55 16.52 -57.64
C ALA A 433 1.51 16.83 -58.78
N GLN A 434 2.63 17.46 -58.44
CA GLN A 434 3.79 17.43 -59.32
C GLN A 434 4.30 16.01 -59.48
N ALA A 435 4.05 15.16 -58.50
CA ALA A 435 4.41 13.76 -58.59
C ALA A 435 3.46 12.99 -59.51
N GLN A 436 2.17 13.29 -59.43
CA GLN A 436 1.18 12.61 -60.25
C GLN A 436 1.20 13.09 -61.69
N GLN A 437 1.66 14.33 -61.93
CA GLN A 437 1.69 14.87 -63.29
C GLN A 437 2.73 14.13 -64.13
N VAL A 438 3.84 13.74 -63.52
CA VAL A 438 4.95 13.13 -64.26
C VAL A 438 4.58 11.77 -64.84
N HIS A 439 3.57 11.09 -64.32
CA HIS A 439 3.06 9.89 -64.96
C HIS A 439 1.53 9.93 -65.03
N GLY A 444 0.59 4.59 -59.49
CA GLY A 444 0.42 5.20 -58.19
C GLY A 444 1.70 5.74 -57.58
N VAL A 445 1.65 6.98 -57.11
CA VAL A 445 2.82 7.65 -56.54
C VAL A 445 2.63 7.76 -55.02
N VAL A 446 3.64 7.29 -54.27
CA VAL A 446 3.59 7.20 -52.81
C VAL A 446 4.67 8.12 -52.24
N MET A 447 4.28 9.00 -51.31
CA MET A 447 5.18 9.98 -50.71
C MET A 447 5.89 9.38 -49.49
N LYS A 448 7.20 9.24 -49.59
CA LYS A 448 8.10 8.67 -48.59
C LYS A 448 8.77 9.78 -47.79
N PRO A 449 8.77 9.71 -46.45
CA PRO A 449 9.44 10.75 -45.66
C PRO A 449 10.92 10.79 -45.96
N ALA A 450 11.48 12.01 -45.97
CA ALA A 450 12.87 12.18 -46.40
C ALA A 450 13.82 11.40 -45.51
N TRP A 451 13.45 11.16 -44.24
CA TRP A 451 14.28 10.50 -43.25
C TRP A 451 14.17 8.98 -43.27
N LEU A 452 13.67 8.42 -44.36
CA LEU A 452 13.47 6.98 -44.50
C LEU A 452 14.46 6.51 -45.57
N VAL A 453 15.64 6.07 -45.13
CA VAL A 453 16.79 5.80 -45.99
C VAL A 453 16.87 4.32 -46.34
N PRO A 454 17.26 3.95 -47.58
CA PRO A 454 17.35 2.52 -47.89
C PRO A 454 18.74 1.91 -47.71
N GLY A 529 10.19 -0.65 -55.42
CA GLY A 529 10.43 -1.73 -54.49
C GLY A 529 11.71 -1.58 -53.71
N PHE A 530 11.69 -2.00 -52.43
CA PHE A 530 12.84 -1.92 -51.54
C PHE A 530 13.33 -3.30 -51.16
N SER A 531 14.63 -3.40 -50.84
CA SER A 531 15.23 -4.67 -50.49
C SER A 531 14.67 -5.18 -49.15
N ARG A 532 14.97 -6.43 -48.84
CA ARG A 532 14.52 -6.98 -47.56
C ARG A 532 15.26 -6.34 -46.40
N GLU A 533 16.60 -6.28 -46.50
CA GLU A 533 17.38 -5.66 -45.43
C GLU A 533 16.92 -4.23 -45.18
N THR A 534 16.52 -3.52 -46.24
CA THR A 534 15.99 -2.18 -46.05
C THR A 534 14.67 -2.21 -45.29
N LEU A 535 13.80 -3.17 -45.63
CA LEU A 535 12.51 -3.28 -44.95
C LEU A 535 12.68 -3.71 -43.50
N GLN A 536 13.65 -4.57 -43.21
CA GLN A 536 13.90 -4.95 -41.82
C GLN A 536 14.52 -3.79 -41.05
N ALA A 537 15.47 -3.09 -41.67
CA ALA A 537 16.05 -1.89 -41.04
C ALA A 537 14.97 -0.86 -40.71
N TRP A 538 13.95 -0.74 -41.56
CA TRP A 538 12.89 0.22 -41.27
C TRP A 538 11.96 -0.29 -40.18
N ALA A 539 11.63 -1.58 -40.20
CA ALA A 539 10.76 -2.14 -39.17
C ALA A 539 11.39 -1.99 -37.79
N ASP A 540 12.67 -2.31 -37.69
CA ASP A 540 13.34 -2.31 -36.40
C ASP A 540 13.29 -0.95 -35.74
N MET A 541 13.34 0.14 -36.51
CA MET A 541 13.25 1.45 -35.90
C MET A 541 11.82 1.90 -35.69
N TYR A 542 10.86 1.44 -36.49
CA TYR A 542 9.59 2.13 -36.61
C TYR A 542 8.36 1.26 -36.42
N ASP A 543 8.47 -0.07 -36.46
CA ASP A 543 7.30 -0.91 -36.30
C ASP A 543 6.88 -1.05 -34.84
N LEU A 544 5.67 -0.63 -34.52
CA LEU A 544 5.09 -0.82 -33.19
C LEU A 544 4.06 -1.96 -33.16
N SER A 545 4.34 -3.10 -33.79
CA SER A 545 3.38 -4.19 -33.80
C SER A 545 3.60 -5.25 -32.72
N ASN A 546 4.80 -5.34 -32.15
CA ASN A 546 5.15 -6.38 -31.18
C ASN A 546 5.46 -5.76 -29.81
N PRO A 547 4.61 -5.94 -28.79
CA PRO A 547 4.89 -5.30 -27.48
C PRO A 547 6.17 -5.76 -26.83
N VAL A 548 6.70 -6.92 -27.21
CA VAL A 548 7.98 -7.40 -26.71
C VAL A 548 9.02 -7.42 -27.82
N GLY A 549 8.81 -6.66 -28.89
CA GLY A 549 9.87 -6.40 -29.83
C GLY A 549 10.91 -5.49 -29.21
N LEU A 550 11.80 -4.94 -30.03
CA LEU A 550 12.86 -4.08 -29.56
C LEU A 550 13.05 -2.97 -30.58
N ILE A 551 12.66 -1.74 -30.23
CA ILE A 551 12.77 -0.61 -31.14
C ILE A 551 14.18 -0.03 -31.11
N LYS A 552 14.85 -0.09 -32.25
CA LYS A 552 16.20 0.45 -32.38
C LYS A 552 16.15 1.97 -32.43
N ALA A 553 17.12 2.61 -31.75
CA ALA A 553 17.20 4.07 -31.68
C ALA A 553 17.14 4.72 -33.05
N HIS A 554 16.43 5.83 -33.15
CA HIS A 554 16.39 6.51 -34.43
C HIS A 554 17.68 7.26 -34.72
N ARG A 555 18.47 7.55 -33.70
CA ARG A 555 19.76 8.22 -33.84
C ARG A 555 20.63 7.75 -32.69
N SER A 556 21.83 7.26 -33.01
CA SER A 556 22.77 6.67 -32.04
C SER A 556 24.10 7.40 -32.19
N LEU A 557 24.35 8.38 -31.33
CA LEU A 557 25.54 9.20 -31.40
C LEU A 557 26.56 8.70 -30.40
N ALA A 558 27.71 8.25 -30.89
CA ALA A 558 28.77 7.74 -30.04
C ALA A 558 29.43 8.90 -29.28
N ILE A 559 30.04 8.55 -28.15
CA ILE A 559 30.67 9.50 -27.24
C ILE A 559 32.13 9.12 -27.09
N ASP A 560 33.02 10.13 -27.09
CA ASP A 560 34.44 9.81 -26.98
C ASP A 560 34.81 9.44 -25.55
N GLY A 561 35.62 8.38 -25.44
CA GLY A 561 35.98 7.84 -24.14
C GLY A 561 34.83 7.09 -23.49
N ALA A 562 35.12 6.42 -22.39
CA ALA A 562 34.11 5.68 -21.65
C ALA A 562 33.17 6.65 -20.93
N PHE A 563 31.88 6.37 -21.01
CA PHE A 563 30.89 7.28 -20.44
C PHE A 563 29.66 6.49 -20.06
N VAL A 564 29.20 6.67 -18.82
CA VAL A 564 27.93 6.14 -18.35
C VAL A 564 26.99 7.31 -18.14
N GLY A 565 25.88 7.33 -18.88
CA GLY A 565 24.91 8.40 -18.74
C GLY A 565 24.06 8.20 -17.50
N ARG A 566 23.88 9.28 -16.73
CA ARG A 566 23.02 9.29 -15.56
C ARG A 566 21.69 9.98 -15.78
N GLN A 567 21.64 11.01 -16.63
CA GLN A 567 20.48 11.87 -16.71
C GLN A 567 20.54 12.70 -17.98
N VAL A 568 19.35 13.01 -18.51
CA VAL A 568 19.16 13.75 -19.74
C VAL A 568 18.14 14.85 -19.45
N GLY A 569 18.40 16.04 -19.97
CA GLY A 569 17.46 17.14 -19.84
C GLY A 569 17.39 17.95 -21.12
N TRP A 570 16.21 18.51 -21.39
CA TRP A 570 15.89 19.22 -22.61
C TRP A 570 15.64 20.70 -22.35
N SER A 571 16.04 21.58 -23.28
CA SER A 571 15.68 22.98 -23.14
C SER A 571 14.18 23.16 -23.38
N PRO A 572 13.58 24.26 -22.90
CA PRO A 572 12.15 24.48 -23.16
C PRO A 572 11.75 24.39 -24.63
N GLU A 573 12.42 25.14 -25.51
CA GLU A 573 12.08 25.11 -26.93
C GLU A 573 12.66 23.91 -27.67
N GLY A 574 13.35 22.99 -26.98
CA GLY A 574 13.67 21.73 -27.58
C GLY A 574 14.91 21.71 -28.45
N GLU A 575 15.70 22.77 -28.50
CA GLU A 575 16.85 22.83 -29.39
C GLU A 575 18.15 22.39 -28.73
N TRP A 576 18.17 22.26 -27.41
CA TRP A 576 19.31 21.72 -26.69
C TRP A 576 18.90 20.47 -25.93
N CYS A 577 19.84 19.54 -25.84
CA CYS A 577 19.66 18.32 -25.06
C CYS A 577 20.98 18.00 -24.37
N VAL A 578 20.98 18.04 -23.05
CA VAL A 578 22.19 17.87 -22.24
C VAL A 578 22.13 16.52 -21.55
N VAL A 579 23.17 15.72 -21.79
CA VAL A 579 23.38 14.42 -21.16
C VAL A 579 24.54 14.58 -20.18
N VAL A 580 24.34 14.21 -18.92
CA VAL A 580 25.39 14.26 -17.92
C VAL A 580 25.66 12.85 -17.42
N GLY A 581 26.83 12.66 -16.82
CA GLY A 581 27.22 11.33 -16.39
C GLY A 581 28.59 11.24 -15.78
N ASN A 582 29.28 10.11 -15.90
CA ASN A 582 30.43 9.91 -15.03
C ASN A 582 31.60 10.73 -15.53
N GLY A 583 32.63 10.83 -14.69
CA GLY A 583 33.75 11.71 -14.95
C GLY A 583 33.41 13.18 -14.91
N ASN A 584 32.33 13.54 -14.22
CA ASN A 584 31.78 14.89 -14.24
C ASN A 584 31.81 15.45 -15.65
N ARG A 585 31.18 14.72 -16.57
CA ARG A 585 31.12 15.15 -17.96
C ARG A 585 29.71 15.50 -18.36
N ALA A 586 29.61 16.47 -19.26
CA ALA A 586 28.33 16.89 -19.80
C ALA A 586 28.45 16.92 -21.30
N LEU A 587 27.45 16.36 -21.97
CA LEU A 587 27.38 16.33 -23.41
C LEU A 587 26.19 17.19 -23.82
N ILE A 588 26.45 18.16 -24.69
CA ILE A 588 25.46 19.19 -25.06
C ILE A 588 25.14 18.98 -26.52
N TYR A 589 23.92 18.55 -26.79
CA TYR A 589 23.48 18.32 -28.14
C TYR A 589 22.58 19.46 -28.56
N GLN A 590 22.65 19.79 -29.85
CA GLN A 590 21.94 20.93 -30.41
C GLN A 590 21.18 20.47 -31.65
N ARG A 591 20.14 21.21 -31.98
CA ARG A 591 19.53 21.10 -33.29
C ARG A 591 18.90 22.45 -33.60
N TRP A 592 18.61 22.68 -34.89
CA TRP A 592 18.08 23.97 -35.33
C TRP A 592 19.04 25.10 -34.99
N GLY A 593 20.34 24.86 -35.20
CA GLY A 593 21.36 25.82 -34.85
C GLY A 593 21.40 27.01 -35.80
N LYS A 594 22.45 27.82 -35.60
CA LYS A 594 22.62 29.06 -36.35
C LYS A 594 24.01 29.16 -36.97
N GLU A 595 24.80 28.09 -36.90
CA GLU A 595 26.20 28.12 -37.32
C GLU A 595 26.36 28.42 -38.81
N TRP B 16 -13.88 -30.49 -40.50
CA TRP B 16 -12.66 -29.77 -40.17
C TRP B 16 -11.51 -30.72 -39.86
N THR B 17 -10.29 -30.18 -39.95
CA THR B 17 -9.06 -30.89 -39.59
C THR B 17 -8.24 -30.00 -38.66
N VAL B 18 -7.42 -30.63 -37.82
CA VAL B 18 -6.58 -29.87 -36.89
C VAL B 18 -5.70 -28.90 -37.65
N ASP B 19 -5.23 -29.30 -38.83
CA ASP B 19 -4.35 -28.43 -39.61
C ASP B 19 -5.13 -27.32 -40.31
N LYS B 20 -6.34 -27.61 -40.80
CA LYS B 20 -7.15 -26.59 -41.45
C LYS B 20 -7.58 -25.50 -40.47
N ILE B 21 -7.97 -25.88 -39.24
CA ILE B 21 -8.36 -24.84 -38.28
C ILE B 21 -7.12 -24.10 -37.77
N ALA B 22 -6.01 -24.82 -37.55
CA ALA B 22 -4.76 -24.16 -37.20
C ALA B 22 -4.34 -23.19 -38.30
N SER B 23 -4.64 -23.54 -39.55
CA SER B 23 -4.46 -22.59 -40.64
C SER B 23 -5.33 -21.36 -40.45
N ALA B 24 -6.60 -21.57 -40.05
CA ALA B 24 -7.53 -20.45 -39.87
C ALA B 24 -7.11 -19.56 -38.72
N LEU B 25 -6.77 -20.17 -37.57
CA LEU B 25 -6.26 -19.41 -36.45
C LEU B 25 -5.07 -18.56 -36.85
N SER B 26 -4.18 -19.13 -37.68
CA SER B 26 -2.98 -18.41 -38.08
C SER B 26 -3.31 -17.14 -38.87
N VAL B 27 -4.38 -17.17 -39.65
CA VAL B 27 -4.74 -15.97 -40.41
C VAL B 27 -5.53 -15.00 -39.53
N LEU B 28 -6.33 -15.50 -38.59
CA LEU B 28 -6.97 -14.60 -37.64
C LEU B 28 -5.96 -14.02 -36.66
N ALA B 29 -4.95 -14.79 -36.27
CA ALA B 29 -3.88 -14.25 -35.45
C ALA B 29 -3.22 -13.03 -36.08
N GLU B 30 -3.28 -12.91 -37.41
CA GLU B 30 -2.69 -11.76 -38.10
C GLU B 30 -3.25 -10.43 -37.63
N GLU B 31 -4.43 -10.41 -37.02
CA GLU B 31 -4.95 -9.12 -36.59
C GLU B 31 -4.35 -8.67 -35.26
N VAL B 32 -3.75 -9.58 -34.49
CA VAL B 32 -3.26 -9.25 -33.16
C VAL B 32 -2.15 -8.22 -33.28
N PRO B 33 -1.07 -8.48 -34.04
CA PRO B 33 -0.02 -7.45 -34.12
C PRO B 33 -0.45 -6.20 -34.85
N GLN B 34 -1.31 -6.30 -35.84
CA GLN B 34 -1.70 -5.10 -36.57
C GLN B 34 -2.71 -4.27 -35.78
N ASN B 35 -3.53 -4.91 -34.94
CA ASN B 35 -4.35 -4.17 -33.99
C ASN B 35 -3.48 -3.48 -32.95
N HIS B 36 -2.49 -4.22 -32.43
CA HIS B 36 -1.54 -3.65 -31.50
C HIS B 36 -0.88 -2.41 -32.10
N SER B 37 -0.38 -2.52 -33.32
CA SER B 37 0.23 -1.36 -33.95
C SER B 37 -0.78 -0.22 -34.10
N ARG B 38 -2.04 -0.54 -34.43
CA ARG B 38 -3.06 0.49 -34.50
C ARG B 38 -3.26 1.15 -33.16
N LEU B 39 -3.30 0.34 -32.09
CA LEU B 39 -3.52 0.87 -30.75
C LEU B 39 -2.33 1.71 -30.29
N VAL B 40 -1.12 1.18 -30.41
CA VAL B 40 0.02 1.95 -29.95
C VAL B 40 0.15 3.23 -30.76
N ASN B 41 -0.10 3.16 -32.06
CA ASN B 41 0.02 4.37 -32.87
C ASN B 41 -1.06 5.37 -32.50
N PHE B 42 -2.28 4.89 -32.25
CA PHE B 42 -3.36 5.80 -31.88
C PHE B 42 -3.02 6.55 -30.60
N LEU B 43 -2.60 5.82 -29.56
CA LEU B 43 -2.33 6.47 -28.29
C LEU B 43 -1.14 7.42 -28.37
N LEU B 44 -0.18 7.15 -29.24
CA LEU B 44 0.94 8.08 -29.40
C LEU B 44 0.49 9.43 -29.97
N GLU B 45 -0.43 9.42 -30.94
CA GLU B 45 -0.92 10.67 -31.56
C GLU B 45 -1.86 11.42 -30.64
N GLU B 46 -2.73 10.70 -29.93
CA GLU B 46 -3.55 11.38 -28.94
C GLU B 46 -2.67 12.05 -27.90
N THR B 47 -1.68 11.31 -27.39
CA THR B 47 -0.75 11.89 -26.42
C THR B 47 -0.01 13.07 -27.00
N GLU B 48 0.49 12.95 -28.22
CA GLU B 48 1.26 14.04 -28.81
C GLU B 48 0.40 15.28 -28.99
N LYS B 49 -0.88 15.12 -29.32
CA LYS B 49 -1.69 16.30 -29.54
C LYS B 49 -2.27 16.86 -28.25
N ARG B 50 -2.39 16.05 -27.18
CA ARG B 50 -2.81 16.51 -25.87
C ARG B 50 -1.63 17.01 -25.02
N ALA B 51 -0.47 17.29 -25.63
CA ALA B 51 0.73 17.66 -24.89
C ALA B 51 0.50 18.94 -24.10
N PRO B 52 1.02 19.03 -22.87
CA PRO B 52 0.65 20.13 -21.97
C PRO B 52 1.52 21.37 -22.08
N GLN B 53 0.88 22.51 -22.06
CA GLN B 53 1.58 23.78 -22.17
C GLN B 53 2.24 24.15 -20.85
N PRO B 54 3.52 24.53 -20.84
CA PRO B 54 4.21 24.83 -19.58
C PRO B 54 3.55 25.96 -18.81
N ARG B 55 3.39 25.77 -17.51
CA ARG B 55 2.64 26.71 -16.69
C ARG B 55 3.56 27.49 -15.76
N HIS B 56 3.00 28.57 -15.22
CA HIS B 56 3.66 29.37 -14.20
C HIS B 56 4.94 30.01 -14.71
N LEU B 57 4.97 30.42 -15.98
CA LEU B 57 6.11 31.17 -16.47
C LEU B 57 6.19 32.51 -15.80
N SER B 58 7.41 33.00 -15.61
CA SER B 58 7.63 34.33 -15.07
C SER B 58 7.45 35.37 -16.17
N LYS B 59 7.14 36.60 -15.76
CA LYS B 59 7.02 37.65 -16.75
C LYS B 59 8.37 38.11 -17.28
N THR B 60 9.47 37.74 -16.62
CA THR B 60 10.80 38.22 -16.97
C THR B 60 11.78 37.07 -16.88
N ASP B 61 12.90 37.18 -17.62
CA ASP B 61 13.96 36.18 -17.53
C ASP B 61 14.82 36.43 -16.29
N PRO B 62 14.71 35.58 -15.26
CA PRO B 62 15.39 35.89 -13.99
C PRO B 62 16.90 35.77 -14.03
N PHE B 63 17.46 35.19 -15.09
CA PHE B 63 18.90 35.05 -15.22
C PHE B 63 19.50 36.11 -16.13
N ALA B 64 18.68 37.05 -16.61
CA ALA B 64 19.12 37.95 -17.68
C ALA B 64 20.34 38.76 -17.26
N HIS B 65 20.45 39.07 -15.97
CA HIS B 65 21.46 39.98 -15.45
C HIS B 65 22.74 39.26 -15.00
N MET B 66 22.93 37.99 -15.36
CA MET B 66 24.02 37.18 -14.81
C MET B 66 25.02 36.84 -15.91
N LYS B 67 26.28 37.20 -15.69
CA LYS B 67 27.33 36.99 -16.67
C LYS B 67 28.09 35.70 -16.39
N SER B 68 28.83 35.23 -17.39
CA SER B 68 29.79 34.18 -17.14
C SER B 68 30.62 34.56 -15.93
N LYS B 69 30.76 33.64 -14.99
CA LYS B 69 31.57 33.87 -13.80
C LYS B 69 33.02 33.46 -14.01
N ALA B 70 33.41 33.09 -15.23
CA ALA B 70 34.79 32.71 -15.53
C ALA B 70 35.77 33.81 -15.16
N ILE B 71 36.91 33.43 -14.63
CA ILE B 71 37.92 34.37 -14.17
C ILE B 71 38.86 34.68 -15.34
N ASP B 72 39.36 35.91 -15.41
CA ASP B 72 40.38 36.26 -16.40
C ASP B 72 41.71 36.52 -15.71
N ALA B 73 42.79 36.28 -16.45
CA ALA B 73 44.17 36.48 -15.96
C ALA B 73 44.39 37.90 -15.43
N PRO B 78 40.05 37.08 -8.15
CA PRO B 78 39.65 36.69 -6.79
C PRO B 78 40.80 36.80 -5.81
N GLU B 79 40.68 36.14 -4.66
CA GLU B 79 41.74 35.99 -3.67
C GLU B 79 41.22 35.24 -2.46
N GLY B 80 41.73 34.04 -2.22
CA GLY B 80 41.19 33.27 -1.12
C GLY B 80 39.82 32.70 -1.36
N VAL B 81 39.24 32.90 -2.54
CA VAL B 81 37.93 32.32 -2.86
C VAL B 81 38.14 30.94 -3.45
N PRO B 82 37.38 29.93 -3.03
CA PRO B 82 37.49 28.61 -3.65
C PRO B 82 37.28 28.72 -5.16
N THR B 83 37.95 27.85 -5.89
CA THR B 83 37.90 27.87 -7.35
C THR B 83 37.80 26.44 -7.89
N MET B 84 37.08 26.27 -9.01
CA MET B 84 37.01 25.00 -9.75
C MET B 84 37.18 25.22 -11.24
N ASP B 85 37.74 24.21 -11.92
CA ASP B 85 37.98 24.28 -13.35
C ASP B 85 36.95 23.51 -14.17
N VAL B 86 36.76 23.96 -15.40
CA VAL B 86 35.91 23.32 -16.39
C VAL B 86 36.61 23.47 -17.72
N LYS B 87 36.85 22.35 -18.40
CA LYS B 87 37.43 22.37 -19.73
C LYS B 87 36.31 22.08 -20.73
N PHE B 88 36.21 22.92 -21.74
CA PHE B 88 35.17 22.84 -22.75
C PHE B 88 35.77 22.36 -24.06
N LYS B 89 34.95 21.68 -24.87
CA LYS B 89 35.31 21.32 -26.23
C LYS B 89 34.14 21.69 -27.14
N GLN B 90 34.44 22.06 -28.38
CA GLN B 90 33.39 22.25 -29.37
C GLN B 90 33.42 21.10 -30.35
N HIS B 91 32.25 20.79 -30.92
CA HIS B 91 32.08 19.65 -31.79
C HIS B 91 31.28 20.06 -33.01
N SER B 92 31.56 19.40 -34.14
CA SER B 92 30.91 19.74 -35.39
C SER B 92 30.80 18.50 -36.24
N GLY B 93 29.93 18.58 -37.22
CA GLY B 93 29.78 17.49 -38.17
C GLY B 93 28.77 16.47 -37.69
N GLU B 94 28.77 15.35 -38.40
CA GLU B 94 27.91 14.23 -38.07
C GLU B 94 28.57 13.32 -37.04
N TYR B 95 29.90 13.32 -36.98
CA TYR B 95 30.63 12.36 -36.16
C TYR B 95 30.85 12.82 -34.72
N GLY B 96 30.58 14.07 -34.40
CA GLY B 96 30.89 14.56 -33.07
C GLY B 96 32.36 14.79 -32.82
N LYS B 97 33.11 15.10 -33.88
CA LYS B 97 34.54 15.34 -33.78
C LYS B 97 34.81 16.73 -33.23
N SER B 98 35.75 16.82 -32.29
CA SER B 98 36.08 18.13 -31.71
C SER B 98 36.97 18.92 -32.66
N ARG B 99 36.89 20.24 -32.53
CA ARG B 99 37.61 21.17 -33.41
C ARG B 99 38.92 21.65 -32.80
N ASN B 100 39.31 21.15 -31.64
CA ASN B 100 40.47 21.59 -30.88
C ASN B 100 40.57 20.70 -29.63
N SER B 101 41.72 20.80 -28.95
CA SER B 101 41.86 20.06 -27.70
C SER B 101 41.03 20.66 -26.58
N GLY B 102 40.55 21.90 -26.74
CA GLY B 102 39.62 22.49 -25.80
C GLY B 102 40.27 23.49 -24.85
N ARG B 103 39.43 24.36 -24.28
CA ARG B 103 39.85 25.48 -23.45
C ARG B 103 39.36 25.30 -22.02
N ARG B 104 40.17 25.73 -21.06
CA ARG B 104 39.90 25.51 -19.65
C ARG B 104 39.69 26.87 -18.96
N PHE B 105 38.73 26.93 -18.03
CA PHE B 105 38.41 28.16 -17.30
C PHE B 105 38.26 27.85 -15.82
N GLN B 106 38.49 28.88 -15.01
CA GLN B 106 38.31 28.78 -13.58
C GLN B 106 37.08 29.61 -13.17
N TYR B 107 36.37 29.11 -12.17
CA TYR B 107 35.21 29.78 -11.65
C TYR B 107 35.30 29.83 -10.12
N PRO B 108 34.94 30.96 -9.52
CA PRO B 108 34.74 31.00 -8.08
C PRO B 108 33.57 30.12 -7.68
N VAL B 109 33.55 29.72 -6.41
CA VAL B 109 32.57 28.78 -5.88
C VAL B 109 31.86 29.46 -4.71
N VAL B 110 30.53 29.48 -4.76
CA VAL B 110 29.72 29.95 -3.65
C VAL B 110 29.43 28.77 -2.74
N CYS B 111 29.87 28.85 -1.51
CA CYS B 111 29.70 27.77 -0.54
C CYS B 111 28.52 28.04 0.37
N ILE B 112 27.49 27.20 0.27
CA ILE B 112 26.27 27.34 1.06
C ILE B 112 26.14 26.14 2.00
N LYS B 113 26.07 26.40 3.25
CA LYS B 113 25.90 25.38 4.26
C LYS B 113 24.41 25.23 4.62
N PRO B 114 23.93 24.01 4.90
CA PRO B 114 22.55 23.87 5.36
C PRO B 114 22.42 24.36 6.79
N ASP B 115 21.21 24.80 7.14
CA ASP B 115 20.97 25.33 8.47
C ASP B 115 20.30 24.33 9.42
N ARG B 116 19.98 23.11 8.96
CA ARG B 116 19.40 22.11 9.84
C ARG B 116 20.05 20.76 9.61
N GLU B 117 20.13 19.98 10.67
CA GLU B 117 20.66 18.63 10.53
C GLU B 117 19.56 17.61 10.22
N PRO B 118 19.89 16.55 9.50
CA PRO B 118 18.90 15.49 9.26
C PRO B 118 18.45 14.86 10.57
N VAL B 119 17.26 14.29 10.55
CA VAL B 119 16.76 13.59 11.74
C VAL B 119 17.48 12.24 11.78
N PRO B 120 17.49 11.54 12.92
CA PRO B 120 18.11 10.21 12.96
C PRO B 120 17.51 9.29 11.89
N PRO B 121 18.30 8.38 11.34
CA PRO B 121 17.81 7.55 10.23
C PRO B 121 16.70 6.59 10.66
N TYR B 122 15.93 6.13 9.67
CA TYR B 122 14.89 5.15 9.91
C TYR B 122 14.46 4.56 8.58
N ARG B 123 13.76 3.43 8.65
CA ARG B 123 13.20 2.76 7.48
C ARG B 123 11.70 2.58 7.67
N PHE B 124 10.93 2.87 6.61
CA PHE B 124 9.48 2.72 6.52
C PHE B 124 8.76 3.87 7.21
N HIS B 125 7.49 4.08 6.88
CA HIS B 125 6.68 5.06 7.57
C HIS B 125 6.06 4.43 8.82
N HIS B 126 6.44 4.93 9.98
CA HIS B 126 6.02 4.34 11.24
C HIS B 126 4.63 4.88 11.58
N ALA B 127 3.63 4.01 11.54
CA ALA B 127 2.26 4.41 11.83
C ALA B 127 1.79 3.84 13.17
N GLU B 128 0.92 4.58 13.82
CA GLU B 128 0.43 4.20 15.14
C GLU B 128 -0.81 3.32 15.02
N ILE B 129 -0.85 2.25 15.81
CA ILE B 129 -2.02 1.42 15.99
C ILE B 129 -2.38 1.36 17.48
N ARG B 130 -3.67 1.43 17.77
CA ARG B 130 -4.15 1.38 19.16
C ARG B 130 -4.11 -0.03 19.73
N LYS B 131 -4.16 -1.04 18.89
CA LYS B 131 -4.05 -2.43 19.34
C LYS B 131 -3.31 -3.22 18.27
N ASN B 132 -2.78 -4.35 18.69
CA ASN B 132 -2.13 -5.27 17.78
C ASN B 132 -3.07 -5.63 16.62
N ILE B 133 -2.49 -5.73 15.44
CA ILE B 133 -3.24 -6.15 14.26
C ILE B 133 -2.67 -7.49 13.78
N LEU B 134 -3.55 -8.30 13.21
CA LEU B 134 -3.17 -9.64 12.78
C LEU B 134 -2.67 -9.57 11.34
N ALA B 135 -1.45 -10.03 11.11
CA ALA B 135 -0.83 -9.96 9.79
C ALA B 135 -1.01 -11.27 9.04
N LEU B 136 -1.38 -11.15 7.75
CA LEU B 136 -1.32 -12.26 6.81
C LEU B 136 0.14 -12.67 6.59
N ASN B 137 0.34 -13.88 6.08
CA ASN B 137 1.67 -14.29 5.65
C ASN B 137 1.93 -13.78 4.24
N SER B 138 3.19 -13.44 3.97
CA SER B 138 3.61 -12.88 2.71
C SER B 138 4.43 -13.89 1.92
N GLN B 139 4.57 -13.62 0.63
CA GLN B 139 5.49 -14.38 -0.21
C GLN B 139 6.83 -13.66 -0.24
N LEU B 140 7.89 -14.44 -0.10
CA LEU B 140 9.24 -13.92 -0.27
C LEU B 140 9.53 -13.70 -1.76
N ASN B 141 9.29 -12.48 -2.28
CA ASN B 141 9.67 -12.16 -3.65
C ASN B 141 10.93 -11.30 -3.75
N PHE B 142 11.16 -10.37 -2.81
CA PHE B 142 12.32 -9.49 -2.85
C PHE B 142 13.26 -9.81 -1.69
N VAL B 143 14.54 -9.99 -1.99
CA VAL B 143 15.60 -10.16 -0.98
C VAL B 143 16.79 -9.28 -1.39
N PRO B 144 17.30 -8.42 -0.49
CA PRO B 144 18.30 -7.38 -0.83
C PRO B 144 19.50 -7.84 -1.68
N PRO B 179 12.19 -20.23 -8.41
CA PRO B 179 13.25 -19.93 -9.38
C PRO B 179 12.90 -18.76 -10.30
N ARG B 180 13.78 -17.76 -10.33
CA ARG B 180 13.60 -16.61 -11.20
C ARG B 180 13.32 -17.04 -12.64
N SER B 181 13.96 -18.12 -13.09
CA SER B 181 13.72 -18.59 -14.46
C SER B 181 12.26 -18.94 -14.67
N GLN B 182 11.62 -19.53 -13.66
CA GLN B 182 10.20 -19.83 -13.79
C GLN B 182 9.34 -18.57 -13.69
N LYS B 183 9.70 -17.64 -12.80
CA LYS B 183 8.87 -16.46 -12.59
C LYS B 183 8.80 -15.60 -13.86
N ILE B 184 9.94 -15.41 -14.54
CA ILE B 184 9.92 -14.66 -15.80
C ILE B 184 9.06 -15.38 -16.83
N ALA B 185 9.20 -16.71 -16.91
CA ALA B 185 8.45 -17.50 -17.88
C ALA B 185 6.97 -17.33 -17.68
N LYS B 186 6.50 -17.46 -16.44
CA LYS B 186 5.08 -17.36 -16.13
C LYS B 186 4.53 -15.99 -16.50
N ARG B 187 5.31 -14.93 -16.23
CA ARG B 187 4.83 -13.57 -16.50
C ARG B 187 4.73 -13.30 -17.99
N ALA B 188 5.69 -13.80 -18.76
CA ALA B 188 5.60 -13.71 -20.20
C ALA B 188 4.36 -14.45 -20.71
N GLN B 189 4.04 -15.60 -20.11
CA GLN B 189 2.86 -16.33 -20.52
C GLN B 189 1.58 -15.62 -20.13
N ALA B 190 1.54 -15.08 -18.91
CA ALA B 190 0.36 -14.38 -18.42
C ALA B 190 0.07 -13.14 -19.25
N GLU B 191 1.12 -12.42 -19.63
CA GLU B 191 0.93 -11.25 -20.48
C GLU B 191 0.36 -11.67 -21.83
N TYR B 192 0.81 -12.80 -22.35
CA TYR B 192 0.29 -13.29 -23.63
C TYR B 192 -1.15 -13.78 -23.51
N ALA B 193 -1.48 -14.48 -22.41
CA ALA B 193 -2.85 -14.92 -22.19
C ALA B 193 -3.82 -13.75 -22.11
N ALA B 194 -3.37 -12.63 -21.55
CA ALA B 194 -4.21 -11.44 -21.47
C ALA B 194 -4.40 -10.81 -22.85
N THR B 195 -3.42 -10.96 -23.73
CA THR B 195 -3.54 -10.39 -25.07
C THR B 195 -4.54 -11.16 -25.90
N LEU B 196 -4.51 -12.50 -25.82
CA LEU B 196 -5.32 -13.34 -26.68
C LEU B 196 -6.71 -13.60 -26.12
N ALA B 197 -6.89 -13.50 -24.81
CA ALA B 197 -8.21 -13.73 -24.20
C ALA B 197 -9.34 -12.98 -24.90
N PRO B 198 -9.22 -11.70 -25.23
CA PRO B 198 -10.33 -11.02 -25.92
C PRO B 198 -10.59 -11.56 -27.33
N TYR B 199 -9.65 -12.33 -27.89
CA TYR B 199 -9.81 -12.81 -29.26
C TYR B 199 -10.49 -14.17 -29.37
N LEU B 200 -10.50 -14.96 -28.31
CA LEU B 200 -11.06 -16.31 -28.36
C LEU B 200 -12.46 -16.31 -28.96
N GLU B 201 -13.40 -15.59 -28.34
CA GLU B 201 -14.80 -15.76 -28.71
C GLU B 201 -15.20 -15.06 -30.00
N PRO B 202 -14.70 -13.87 -30.32
CA PRO B 202 -14.93 -13.35 -31.68
C PRO B 202 -14.33 -14.26 -32.76
N TRP B 203 -13.26 -14.98 -32.45
CA TRP B 203 -12.71 -15.94 -33.41
C TRP B 203 -13.60 -17.17 -33.52
N LEU B 204 -14.07 -17.70 -32.37
CA LEU B 204 -15.01 -18.81 -32.43
C LEU B 204 -16.23 -18.41 -33.25
N ARG B 205 -16.72 -17.19 -33.07
CA ARG B 205 -17.80 -16.64 -33.88
C ARG B 205 -17.43 -16.65 -35.36
N LYS B 206 -16.28 -16.07 -35.71
CA LYS B 206 -15.86 -16.03 -37.10
C LYS B 206 -15.71 -17.44 -37.68
N LEU B 207 -15.13 -18.36 -36.91
CA LEU B 207 -14.91 -19.69 -37.47
C LEU B 207 -16.23 -20.43 -37.65
N ASN B 208 -17.13 -20.33 -36.67
CA ASN B 208 -18.44 -20.99 -36.72
C ASN B 208 -18.32 -22.50 -36.82
N ILE B 209 -17.48 -23.06 -35.94
CA ILE B 209 -17.23 -24.51 -35.91
C ILE B 209 -18.21 -25.12 -34.93
N GLU B 210 -18.99 -26.10 -35.38
CA GLU B 210 -19.90 -26.78 -34.47
C GLU B 210 -19.15 -27.27 -33.23
N GLY B 211 -19.76 -27.06 -32.06
CA GLY B 211 -19.14 -27.43 -30.81
C GLY B 211 -18.00 -26.54 -30.35
N CYS B 212 -17.67 -25.49 -31.10
CA CYS B 212 -16.57 -24.59 -30.76
C CYS B 212 -17.10 -23.35 -30.05
N THR B 213 -17.43 -23.53 -28.79
CA THR B 213 -18.04 -22.51 -27.96
C THR B 213 -17.17 -22.35 -26.72
N LYS B 214 -17.17 -21.17 -26.12
CA LYS B 214 -16.36 -20.99 -24.92
C LYS B 214 -16.82 -21.96 -23.84
N SER B 215 -18.13 -22.05 -23.66
CA SER B 215 -18.67 -22.96 -22.66
C SER B 215 -18.16 -24.39 -22.85
N ASN B 216 -18.03 -24.83 -24.11
CA ASN B 216 -17.71 -26.22 -24.40
C ASN B 216 -16.22 -26.49 -24.40
N LEU B 217 -15.40 -25.52 -24.84
CA LEU B 217 -13.96 -25.64 -24.64
C LEU B 217 -13.64 -25.74 -23.16
N ILE B 218 -14.41 -25.03 -22.34
CA ILE B 218 -14.27 -25.15 -20.88
C ILE B 218 -14.66 -26.55 -20.44
N ARG B 219 -15.54 -27.21 -21.20
CA ARG B 219 -15.92 -28.58 -20.86
C ARG B 219 -14.82 -29.56 -21.25
N PHE B 220 -14.35 -29.47 -22.51
CA PHE B 220 -13.25 -30.31 -22.99
C PHE B 220 -12.01 -30.16 -22.13
N MET B 221 -11.85 -29.00 -21.48
CA MET B 221 -10.66 -28.74 -20.67
C MET B 221 -10.72 -29.45 -19.33
N ALA B 222 -11.86 -29.42 -18.67
CA ALA B 222 -12.07 -30.26 -17.50
C ALA B 222 -12.31 -31.72 -17.86
N SER B 223 -12.10 -32.06 -19.13
CA SER B 223 -11.99 -33.45 -19.59
C SER B 223 -10.56 -33.69 -20.10
N ASP B 246 -22.10 -32.42 -20.20
CA ASP B 246 -22.10 -32.93 -21.57
C ASP B 246 -21.75 -31.81 -22.54
N MET B 247 -21.30 -32.21 -23.72
CA MET B 247 -20.91 -31.27 -24.75
C MET B 247 -21.74 -31.46 -26.03
N SER B 249 -22.98 -32.83 -28.87
CA SER B 249 -23.00 -33.55 -30.14
C SER B 249 -21.72 -34.35 -30.35
N PRO B 250 -21.82 -35.46 -31.12
CA PRO B 250 -20.61 -36.23 -31.48
C PRO B 250 -19.55 -35.37 -32.14
N GLN B 251 -19.86 -34.68 -33.26
CA GLN B 251 -18.87 -33.83 -33.93
C GLN B 251 -18.67 -32.47 -33.21
N ALA B 252 -19.39 -32.21 -32.11
CA ALA B 252 -19.00 -31.14 -31.21
C ALA B 252 -17.66 -31.49 -30.54
N VAL B 253 -17.66 -32.45 -29.62
CA VAL B 253 -16.44 -32.90 -28.94
C VAL B 253 -15.30 -33.21 -29.93
N ARG B 254 -15.61 -33.37 -31.20
CA ARG B 254 -14.54 -33.65 -32.10
C ARG B 254 -13.93 -32.38 -32.47
N ASN B 255 -14.79 -31.44 -32.65
CA ASN B 255 -14.24 -30.13 -32.94
C ASN B 255 -13.54 -29.56 -31.72
N ALA B 256 -14.09 -29.83 -30.54
CA ALA B 256 -13.51 -29.34 -29.29
C ALA B 256 -12.03 -29.68 -29.23
N SER B 257 -11.71 -30.97 -29.39
CA SER B 257 -10.32 -31.43 -29.36
C SER B 257 -9.51 -30.76 -30.46
N MET B 258 -10.00 -30.83 -31.70
CA MET B 258 -9.26 -30.23 -32.81
C MET B 258 -9.02 -28.75 -32.59
N PHE B 259 -9.88 -28.07 -31.83
CA PHE B 259 -9.62 -26.67 -31.53
C PHE B 259 -8.53 -26.53 -30.46
N THR B 260 -8.66 -27.27 -29.36
CA THR B 260 -7.70 -27.19 -28.25
C THR B 260 -6.25 -27.32 -28.72
N GLU B 261 -5.85 -28.50 -29.16
CA GLU B 261 -4.62 -28.61 -29.92
C GLU B 261 -4.88 -27.95 -31.27
N ALA B 262 -3.93 -27.15 -31.75
CA ALA B 262 -4.04 -26.24 -32.89
C ALA B 262 -3.95 -24.84 -32.32
N TRP B 263 -4.82 -24.54 -31.36
CA TRP B 263 -4.53 -23.43 -30.45
C TRP B 263 -3.14 -23.61 -29.88
N ASP B 264 -2.90 -24.77 -29.26
CA ASP B 264 -1.58 -25.09 -28.75
C ASP B 264 -0.54 -25.10 -29.88
N ARG B 265 -0.93 -25.60 -31.07
CA ARG B 265 0.01 -25.58 -32.19
C ARG B 265 0.32 -24.17 -32.63
N VAL B 266 -0.67 -23.29 -32.62
CA VAL B 266 -0.43 -21.93 -33.09
C VAL B 266 0.08 -21.02 -31.97
N PHE B 267 -0.28 -21.31 -30.71
CA PHE B 267 -0.05 -20.37 -29.61
C PHE B 267 0.70 -20.93 -28.42
N ASN B 268 0.84 -22.25 -28.29
CA ASN B 268 1.59 -22.84 -27.18
C ASN B 268 2.82 -23.60 -27.67
N ASP B 269 3.44 -23.13 -28.75
CA ASP B 269 4.73 -23.65 -29.17
C ASP B 269 5.70 -23.71 -27.99
N GLN B 270 6.02 -24.91 -27.52
CA GLN B 270 6.86 -25.07 -26.34
C GLN B 270 8.31 -24.61 -26.55
N SER B 271 8.67 -24.19 -27.76
CA SER B 271 9.98 -23.58 -27.95
C SER B 271 10.01 -22.16 -27.40
N LYS B 272 8.94 -21.40 -27.64
CA LYS B 272 8.90 -19.99 -27.26
C LYS B 272 8.46 -19.82 -25.81
N LEU B 273 8.94 -18.75 -25.20
CA LEU B 273 8.53 -18.32 -23.88
C LEU B 273 7.27 -17.49 -23.91
N ARG B 274 6.98 -16.86 -25.05
CA ARG B 274 5.74 -16.14 -25.30
C ARG B 274 4.73 -17.12 -25.92
N ARG B 275 4.22 -17.99 -25.05
CA ARG B 275 3.34 -19.08 -25.45
C ARG B 275 2.20 -19.14 -24.45
N VAL B 276 1.07 -19.74 -24.85
CA VAL B 276 0.00 -19.87 -23.88
C VAL B 276 -0.94 -21.01 -24.28
N ALA B 277 -1.20 -21.91 -23.34
CA ALA B 277 -2.18 -22.96 -23.57
C ALA B 277 -3.57 -22.36 -23.53
N LEU B 278 -4.46 -22.85 -24.40
CA LEU B 278 -5.85 -22.41 -24.34
C LEU B 278 -6.39 -22.54 -22.93
N ARG B 279 -5.95 -23.57 -22.20
CA ARG B 279 -6.40 -23.78 -20.84
C ARG B 279 -6.14 -22.56 -19.96
N ASP B 280 -5.00 -21.89 -20.18
CA ASP B 280 -4.69 -20.70 -19.40
C ASP B 280 -5.64 -19.55 -19.70
N ILE B 281 -6.15 -19.50 -20.93
CA ILE B 281 -7.12 -18.47 -21.30
C ILE B 281 -8.48 -18.78 -20.68
N LEU B 282 -8.90 -20.04 -20.71
CA LEU B 282 -10.20 -20.40 -20.13
C LEU B 282 -10.24 -20.17 -18.62
N MET B 283 -9.11 -20.36 -17.93
CA MET B 283 -9.09 -20.14 -16.48
C MET B 283 -9.26 -18.68 -16.10
N LEU B 284 -9.15 -17.76 -17.06
CA LEU B 284 -9.43 -16.37 -16.77
C LEU B 284 -10.90 -16.02 -16.87
N ASP B 285 -11.75 -16.98 -17.27
CA ASP B 285 -13.17 -16.72 -17.44
C ASP B 285 -13.83 -16.37 -16.11
N LYS B 286 -14.67 -15.33 -16.11
CA LYS B 286 -15.25 -14.84 -14.87
C LYS B 286 -16.06 -15.93 -14.15
N ASN B 287 -16.61 -16.91 -14.87
CA ASN B 287 -17.31 -18.00 -14.19
C ASN B 287 -16.35 -19.09 -13.74
N VAL B 288 -15.26 -19.27 -14.47
CA VAL B 288 -14.31 -20.32 -14.11
C VAL B 288 -13.49 -19.89 -12.90
N GLU B 289 -13.05 -18.64 -12.87
CA GLU B 289 -12.03 -18.22 -11.91
C GLU B 289 -12.45 -18.43 -10.46
N PRO B 290 -13.61 -17.97 -9.98
CA PRO B 290 -13.96 -18.17 -8.57
C PRO B 290 -13.99 -19.63 -8.13
N ILE B 291 -13.96 -20.59 -9.05
CA ILE B 291 -13.88 -21.99 -8.65
C ILE B 291 -12.57 -22.26 -7.89
N PHE B 292 -11.54 -21.47 -8.16
CA PHE B 292 -10.24 -21.62 -7.51
C PHE B 292 -9.90 -20.48 -6.55
N ASP B 293 -10.78 -19.49 -6.40
CA ASP B 293 -10.61 -18.43 -5.40
C ASP B 293 -11.03 -19.01 -4.05
N ASN B 294 -10.05 -19.35 -3.22
CA ASN B 294 -10.31 -20.04 -1.95
C ASN B 294 -10.68 -19.07 -0.84
N LYS B 295 -11.36 -17.97 -1.15
CA LYS B 295 -11.82 -17.03 -0.14
C LYS B 295 -13.28 -17.33 0.17
N ARG B 296 -13.48 -18.41 0.94
CA ARG B 296 -14.78 -18.90 1.36
C ARG B 296 -14.96 -18.62 2.84
N ALA B 297 -16.16 -18.19 3.23
CA ALA B 297 -16.34 -17.74 4.59
C ALA B 297 -16.62 -18.88 5.55
N LYS B 298 -17.49 -19.82 5.17
CA LYS B 298 -18.05 -20.79 6.11
C LYS B 298 -17.43 -22.19 6.01
N ALA B 310 -34.60 -29.89 13.07
CA ALA B 310 -35.90 -29.53 12.52
C ALA B 310 -35.99 -28.02 12.31
N LEU B 311 -36.81 -27.37 13.14
CA LEU B 311 -36.83 -25.91 13.18
C LEU B 311 -35.45 -25.33 13.46
N MET B 312 -34.63 -26.05 14.24
CA MET B 312 -33.31 -25.58 14.59
C MET B 312 -32.31 -25.72 13.46
N GLN B 313 -32.57 -26.60 12.49
CA GLN B 313 -31.67 -26.64 11.34
C GLN B 313 -31.84 -25.41 10.47
N LYS B 314 -33.04 -24.83 10.46
CA LYS B 314 -33.24 -23.58 9.72
C LYS B 314 -32.55 -22.42 10.42
N VAL B 315 -32.61 -22.39 11.75
CA VAL B 315 -31.96 -21.32 12.50
C VAL B 315 -30.44 -21.39 12.33
N ILE B 316 -29.86 -22.56 12.59
CA ILE B 316 -28.41 -22.74 12.43
C ILE B 316 -27.96 -22.22 11.07
N ASP B 317 -28.70 -22.58 10.02
CA ASP B 317 -28.27 -22.20 8.67
C ASP B 317 -28.44 -20.71 8.44
N ALA B 318 -29.54 -20.12 8.92
CA ALA B 318 -29.76 -18.70 8.70
C ALA B 318 -28.70 -17.86 9.41
N LEU B 319 -28.28 -18.28 10.60
CA LEU B 319 -27.26 -17.57 11.36
C LEU B 319 -25.82 -17.94 10.95
N GLY B 320 -25.66 -18.74 9.89
CA GLY B 320 -24.36 -19.28 9.54
C GLY B 320 -23.26 -18.24 9.45
N SER B 321 -23.53 -17.12 8.77
CA SER B 321 -22.47 -16.12 8.60
C SER B 321 -22.08 -15.47 9.92
N TYR B 322 -23.03 -15.32 10.83
CA TYR B 322 -22.71 -14.66 12.08
C TYR B 322 -22.02 -15.62 13.05
N THR B 323 -22.45 -16.88 13.08
CA THR B 323 -21.81 -17.83 13.97
C THR B 323 -20.39 -18.14 13.50
N THR B 324 -20.15 -18.03 12.20
CA THR B 324 -18.86 -18.37 11.64
C THR B 324 -17.86 -17.21 11.75
N LEU B 325 -18.32 -15.98 11.54
CA LEU B 325 -17.38 -14.87 11.49
C LEU B 325 -17.37 -14.01 12.75
N GLY B 326 -18.43 -14.03 13.56
CA GLY B 326 -18.53 -13.12 14.68
C GLY B 326 -17.55 -13.38 15.81
N CYS B 327 -16.66 -12.42 16.06
CA CYS B 327 -15.62 -12.61 17.05
C CYS B 327 -16.21 -12.60 18.47
N LEU B 328 -15.83 -13.60 19.28
CA LEU B 328 -16.31 -13.66 20.66
C LEU B 328 -15.68 -12.59 21.55
N ILE B 329 -14.46 -12.17 21.23
CA ILE B 329 -13.74 -11.18 22.04
C ILE B 329 -14.24 -9.77 21.75
N CYS B 330 -14.29 -9.40 20.47
CA CYS B 330 -14.44 -8.01 20.06
C CYS B 330 -15.68 -7.77 19.23
N PHE B 331 -16.45 -8.81 18.90
CA PHE B 331 -17.74 -8.75 18.23
C PHE B 331 -17.68 -8.22 16.79
N SER B 332 -16.50 -8.05 16.20
CA SER B 332 -16.42 -7.73 14.78
C SER B 332 -16.35 -9.02 13.94
N HIS B 333 -16.79 -8.93 12.69
CA HIS B 333 -16.76 -10.06 11.76
C HIS B 333 -15.47 -10.14 10.95
N ASP B 334 -14.65 -9.09 10.95
CA ASP B 334 -13.31 -9.17 10.40
C ASP B 334 -12.43 -8.36 11.33
N CYS B 335 -11.59 -9.05 12.12
CA CYS B 335 -10.97 -8.39 13.26
C CYS B 335 -9.56 -8.96 13.41
N GLU B 336 -8.89 -8.69 14.54
CA GLU B 336 -7.50 -9.08 14.72
C GLU B 336 -7.34 -10.43 15.41
N HIS B 337 -8.42 -11.14 15.68
CA HIS B 337 -8.36 -12.37 16.47
C HIS B 337 -8.46 -13.58 15.54
N GLY B 338 -8.40 -14.77 16.13
CA GLY B 338 -8.41 -15.98 15.32
C GLY B 338 -7.03 -16.30 14.76
N GLU B 339 -6.98 -17.36 13.98
CA GLU B 339 -5.71 -17.97 13.59
C GLU B 339 -5.55 -17.93 12.08
N ILE B 340 -4.42 -17.39 11.62
CA ILE B 340 -4.06 -17.41 10.21
C ILE B 340 -3.33 -18.70 9.92
N GLU B 341 -3.85 -19.50 8.99
CA GLU B 341 -3.11 -20.66 8.56
C GLU B 341 -2.12 -20.26 7.46
N ARG B 342 -1.32 -21.25 7.02
CA ARG B 342 -0.15 -20.95 6.20
C ARG B 342 -0.53 -20.36 4.85
N ASP B 343 -1.63 -20.83 4.28
CA ASP B 343 -2.15 -20.31 3.02
C ASP B 343 -3.05 -19.08 3.23
N ASN B 344 -3.02 -18.46 4.40
CA ASN B 344 -3.75 -17.23 4.72
C ASN B 344 -5.26 -17.46 4.86
N GLN B 345 -5.72 -18.70 4.90
CA GLN B 345 -7.08 -18.96 5.36
C GLN B 345 -7.20 -18.69 6.85
N LYS B 346 -8.25 -17.98 7.23
CA LYS B 346 -8.41 -17.61 8.62
C LYS B 346 -9.43 -18.51 9.28
N ARG B 347 -9.13 -18.91 10.51
CA ARG B 347 -10.12 -19.53 11.38
C ARG B 347 -10.51 -18.47 12.41
N CYS B 348 -11.69 -17.88 12.21
CA CYS B 348 -12.16 -16.85 13.12
C CYS B 348 -12.34 -17.42 14.51
N PHE B 349 -12.15 -16.56 15.51
CA PHE B 349 -12.39 -16.92 16.90
C PHE B 349 -13.86 -16.64 17.20
N SER B 350 -14.72 -17.60 16.80
CA SER B 350 -16.15 -17.40 16.72
C SER B 350 -16.90 -18.60 17.30
N LEU B 351 -18.22 -18.52 17.22
CA LEU B 351 -19.10 -19.55 17.80
C LEU B 351 -18.77 -20.93 17.26
N GLU B 352 -18.42 -21.04 15.98
CA GLU B 352 -18.14 -22.36 15.41
C GLU B 352 -16.88 -22.97 16.00
N GLU B 353 -16.04 -22.16 16.62
CA GLU B 353 -14.86 -22.64 17.34
C GLU B 353 -15.23 -23.33 18.65
N ILE B 354 -16.44 -23.12 19.15
CA ILE B 354 -16.88 -23.73 20.40
C ILE B 354 -18.19 -24.45 20.19
N GLY B 355 -18.38 -25.04 19.00
CA GLY B 355 -19.51 -25.89 18.73
C GLY B 355 -20.61 -25.26 17.92
N GLY B 356 -20.43 -24.03 17.44
CA GLY B 356 -21.53 -23.42 16.76
C GLY B 356 -22.64 -23.05 17.74
N LEU B 357 -23.84 -22.86 17.16
CA LEU B 357 -24.95 -22.26 17.87
C LEU B 357 -25.49 -23.14 18.99
N MET B 358 -25.68 -24.44 18.71
CA MET B 358 -26.49 -25.27 19.59
C MET B 358 -25.91 -25.43 20.99
N PRO B 359 -24.65 -25.80 21.18
CA PRO B 359 -24.17 -26.01 22.56
C PRO B 359 -24.32 -24.76 23.43
N SER B 360 -24.11 -23.58 22.86
CA SER B 360 -24.35 -22.37 23.65
C SER B 360 -25.85 -22.12 23.82
N LEU B 361 -26.65 -22.50 22.83
CA LEU B 361 -28.06 -22.14 22.90
C LEU B 361 -28.84 -23.09 23.80
N ARG B 362 -28.58 -24.39 23.68
CA ARG B 362 -29.17 -25.34 24.62
C ARG B 362 -28.86 -24.91 26.05
N ARG B 363 -27.60 -24.55 26.31
CA ARG B 363 -27.21 -24.14 27.65
C ARG B 363 -28.01 -22.92 28.13
N LYS B 364 -28.29 -21.96 27.23
CA LYS B 364 -29.10 -20.80 27.61
C LYS B 364 -30.52 -21.20 27.94
N TRP B 365 -31.11 -22.04 27.09
CA TRP B 365 -32.46 -22.53 27.34
C TRP B 365 -32.58 -23.11 28.74
N ALA B 366 -31.61 -23.96 29.11
CA ALA B 366 -31.60 -24.62 30.41
C ALA B 366 -31.54 -23.61 31.56
N ALA B 367 -30.52 -22.74 31.55
CA ALA B 367 -30.43 -21.70 32.56
C ALA B 367 -31.75 -20.92 32.67
N GLN B 368 -32.39 -20.64 31.53
CA GLN B 368 -33.68 -19.95 31.55
C GLN B 368 -34.73 -20.78 32.30
N ILE B 369 -34.80 -22.09 31.97
CA ILE B 369 -35.79 -22.98 32.58
C ILE B 369 -35.71 -22.93 34.10
N GLU B 370 -34.50 -22.83 34.64
CA GLU B 370 -34.29 -22.76 36.09
C GLU B 370 -34.34 -21.30 36.52
N GLN B 371 -35.56 -20.79 36.61
CA GLN B 371 -35.82 -19.37 36.87
C GLN B 371 -37.32 -19.18 37.00
N HIS B 386 -40.96 -5.60 29.06
CA HIS B 386 -42.22 -5.59 29.82
C HIS B 386 -43.26 -4.54 29.36
N PRO B 387 -42.86 -3.27 29.20
CA PRO B 387 -43.84 -2.26 28.80
C PRO B 387 -44.20 -2.40 27.31
N PRO B 388 -45.41 -2.00 26.94
CA PRO B 388 -45.81 -2.18 25.53
C PRO B 388 -44.98 -1.35 24.58
N CYS B 389 -44.90 -1.81 23.33
CA CYS B 389 -44.22 -1.06 22.28
C CYS B 389 -45.14 0.03 21.72
N ARG B 390 -44.54 0.99 21.02
CA ARG B 390 -45.28 2.08 20.37
C ARG B 390 -45.57 1.72 18.91
N ASN B 391 -46.20 0.55 18.74
CA ASN B 391 -46.52 0.02 17.41
C ASN B 391 -47.61 -1.04 17.54
N GLU B 392 -48.74 -0.69 18.17
CA GLU B 392 -49.90 -1.58 18.22
C GLU B 392 -49.53 -2.94 18.83
N CYS B 393 -48.95 -2.88 20.02
CA CYS B 393 -48.40 -4.01 20.75
C CYS B 393 -49.42 -5.13 20.93
N TYR B 394 -48.95 -6.38 21.10
CA TYR B 394 -49.85 -7.50 21.45
C TYR B 394 -50.36 -7.41 22.87
N ARG B 395 -49.67 -6.66 23.74
CA ARG B 395 -50.18 -6.36 25.07
C ARG B 395 -51.56 -5.77 25.00
N ILE B 396 -51.77 -4.87 24.05
CA ILE B 396 -52.97 -4.05 24.00
C ILE B 396 -53.96 -4.52 22.92
N HIS B 397 -53.52 -5.31 21.93
CA HIS B 397 -54.43 -5.83 20.92
C HIS B 397 -54.21 -7.35 20.86
N GLY B 398 -53.94 -7.91 19.70
CA GLY B 398 -53.55 -9.32 19.59
C GLY B 398 -54.48 -10.17 18.75
N PRO B 407 -51.86 -9.12 4.38
CA PRO B 407 -50.59 -8.82 3.68
C PRO B 407 -49.59 -9.97 3.76
N PRO B 408 -49.71 -10.97 2.87
CA PRO B 408 -48.97 -12.24 3.04
C PRO B 408 -47.52 -12.13 3.51
N TRP B 409 -47.09 -13.16 4.22
CA TRP B 409 -45.77 -13.23 4.83
C TRP B 409 -44.78 -13.89 3.88
N SER B 410 -43.67 -13.20 3.63
CA SER B 410 -42.58 -13.79 2.87
C SER B 410 -41.85 -14.82 3.72
N GLU B 411 -41.28 -15.83 3.06
CA GLU B 411 -40.56 -16.84 3.83
C GLU B 411 -39.36 -16.23 4.56
N ASN B 412 -38.82 -15.13 4.04
CA ASN B 412 -37.77 -14.41 4.76
C ASN B 412 -38.32 -13.80 6.05
N GLU B 413 -39.53 -13.24 5.99
CA GLU B 413 -40.15 -12.68 7.17
C GLU B 413 -40.48 -13.75 8.21
N VAL B 414 -40.93 -14.93 7.77
CA VAL B 414 -41.20 -15.97 8.76
C VAL B 414 -39.89 -16.52 9.31
N GLY B 415 -38.87 -16.66 8.45
CA GLY B 415 -37.56 -17.01 8.95
C GLY B 415 -37.09 -16.04 10.00
N THR B 416 -37.21 -14.74 9.70
CA THR B 416 -36.83 -13.69 10.64
C THR B 416 -37.45 -13.92 12.02
N LEU B 417 -38.76 -14.14 12.06
CA LEU B 417 -39.41 -14.39 13.35
C LEU B 417 -39.02 -15.76 13.93
N GLU B 418 -38.79 -16.76 13.09
CA GLU B 418 -38.34 -18.07 13.57
C GLU B 418 -37.08 -17.95 14.44
N TRP B 419 -36.01 -17.40 13.87
CA TRP B 419 -34.75 -17.40 14.60
C TRP B 419 -34.81 -16.45 15.79
N MET B 420 -35.52 -15.32 15.65
CA MET B 420 -35.71 -14.44 16.80
C MET B 420 -36.49 -15.13 17.91
N PHE B 421 -37.42 -16.02 17.57
CA PHE B 421 -38.13 -16.79 18.58
C PHE B 421 -37.23 -17.84 19.22
N ALA B 422 -36.38 -18.50 18.42
CA ALA B 422 -35.52 -19.52 18.99
C ALA B 422 -34.47 -18.87 19.87
N THR B 423 -33.89 -17.81 19.38
CA THR B 423 -32.82 -17.12 20.05
C THR B 423 -33.27 -16.47 21.37
N ILE B 424 -34.43 -15.82 21.37
CA ILE B 424 -35.00 -15.28 22.61
C ILE B 424 -35.25 -16.41 23.59
N GLY B 425 -35.73 -17.54 23.08
CA GLY B 425 -35.89 -18.72 23.86
C GLY B 425 -37.10 -18.65 24.78
N TYR B 426 -37.05 -19.49 25.81
CA TYR B 426 -38.05 -19.51 26.87
C TYR B 426 -37.80 -18.33 27.81
N SER B 427 -38.01 -17.13 27.27
CA SER B 427 -37.82 -15.92 28.07
C SER B 427 -39.05 -15.60 28.90
N GLN B 428 -38.83 -14.92 30.02
CA GLN B 428 -39.91 -14.54 30.91
C GLN B 428 -40.35 -13.09 30.75
N THR B 429 -39.44 -12.20 30.35
CA THR B 429 -39.80 -10.81 30.14
C THR B 429 -39.31 -10.30 28.78
N LEU B 430 -39.30 -11.15 27.76
CA LEU B 430 -38.97 -10.75 26.41
C LEU B 430 -39.67 -11.71 25.46
N ARG B 431 -40.19 -11.18 24.35
CA ARG B 431 -40.94 -11.96 23.40
C ARG B 431 -40.64 -11.48 21.99
N PRO B 432 -40.72 -12.36 20.98
CA PRO B 432 -40.31 -11.95 19.63
C PRO B 432 -41.15 -10.87 19.00
N GLU B 433 -42.42 -10.74 19.40
CA GLU B 433 -43.37 -9.90 18.69
C GLU B 433 -42.86 -8.47 18.51
N CYS B 434 -42.69 -7.74 19.62
CA CYS B 434 -42.30 -6.33 19.50
C CYS B 434 -40.99 -6.17 18.74
N PHE B 435 -40.03 -7.07 18.96
CA PHE B 435 -38.76 -6.89 18.24
C PHE B 435 -38.88 -7.31 16.77
N VAL B 436 -39.46 -8.47 16.48
CA VAL B 436 -39.65 -8.87 15.09
C VAL B 436 -40.45 -7.82 14.36
N GLY B 437 -41.54 -7.35 14.98
CA GLY B 437 -42.36 -6.32 14.38
C GLY B 437 -41.55 -5.13 13.95
N ALA B 438 -40.71 -4.61 14.85
CA ALA B 438 -39.92 -3.45 14.48
C ALA B 438 -38.91 -3.77 13.38
N ILE B 439 -38.58 -5.07 13.20
CA ILE B 439 -37.61 -5.47 12.17
C ILE B 439 -38.27 -5.53 10.80
N LEU B 440 -39.40 -6.24 10.71
CA LEU B 440 -40.23 -6.16 9.52
C LEU B 440 -40.91 -4.80 9.53
N GLY B 441 -41.96 -4.63 8.75
CA GLY B 441 -42.73 -3.39 8.86
C GLY B 441 -44.10 -3.64 9.46
N ARG B 442 -44.18 -4.56 10.41
CA ARG B 442 -45.48 -5.06 10.85
C ARG B 442 -45.84 -4.58 12.25
N PRO B 443 -47.13 -4.38 12.51
CA PRO B 443 -47.58 -4.18 13.89
C PRO B 443 -47.31 -5.41 14.75
N CYS B 444 -47.07 -5.15 16.03
CA CYS B 444 -46.70 -6.23 16.95
C CYS B 444 -47.79 -7.32 17.01
N TRP B 445 -49.07 -6.93 16.82
CA TRP B 445 -50.15 -7.91 16.76
C TRP B 445 -50.06 -8.77 15.49
N ASP B 446 -49.53 -8.19 14.40
CA ASP B 446 -49.38 -8.92 13.14
C ASP B 446 -48.53 -10.17 13.33
N VAL B 447 -47.35 -10.02 13.93
CA VAL B 447 -46.46 -11.16 14.14
C VAL B 447 -46.98 -12.05 15.27
N HIS B 448 -47.73 -11.44 16.18
CA HIS B 448 -48.42 -12.23 17.21
C HIS B 448 -49.45 -13.16 16.57
N ARG B 449 -50.13 -12.65 15.55
CA ARG B 449 -51.10 -13.43 14.79
C ARG B 449 -50.33 -14.51 14.04
N LYS B 450 -49.27 -14.11 13.35
CA LYS B 450 -48.44 -15.07 12.62
C LYS B 450 -47.82 -16.09 13.57
N LEU B 451 -47.32 -15.61 14.71
CA LEU B 451 -46.72 -16.51 15.69
C LEU B 451 -47.72 -17.56 16.15
N GLN B 452 -48.89 -17.13 16.61
CA GLN B 452 -49.91 -18.07 17.05
C GLN B 452 -50.37 -18.97 15.90
N GLU B 453 -50.38 -18.44 14.68
CA GLU B 453 -50.70 -19.25 13.52
C GLU B 453 -49.63 -20.32 13.25
N LEU B 454 -48.40 -20.11 13.72
CA LEU B 454 -47.27 -20.98 13.42
C LEU B 454 -47.08 -22.10 14.44
N ASP B 455 -47.15 -21.79 15.74
CA ASP B 455 -46.99 -22.77 16.82
C ASP B 455 -45.65 -23.50 16.71
N LEU B 456 -44.58 -22.75 17.02
CA LEU B 456 -43.23 -23.27 16.83
C LEU B 456 -42.76 -24.18 17.96
N PRO B 459 -37.48 -27.24 20.78
CA PRO B 459 -37.14 -28.62 21.12
C PRO B 459 -36.94 -28.84 22.62
N PRO B 460 -37.08 -30.08 23.07
CA PRO B 460 -37.12 -30.32 24.51
C PRO B 460 -35.75 -30.15 25.17
N VAL B 461 -35.77 -29.60 26.38
CA VAL B 461 -34.58 -29.28 27.14
C VAL B 461 -34.25 -30.44 28.06
N GLU B 462 -32.99 -30.83 28.12
CA GLU B 462 -32.62 -31.92 29.02
C GLU B 462 -32.39 -31.41 30.43
N ILE B 466 -25.54 -32.38 37.16
CA ILE B 466 -24.23 -31.85 37.48
C ILE B 466 -23.46 -32.83 38.33
N PRO B 467 -22.48 -33.51 37.73
CA PRO B 467 -21.69 -34.49 38.50
C PRO B 467 -20.72 -33.80 39.46
N LYS B 468 -20.80 -34.20 40.75
CA LYS B 468 -19.88 -33.69 41.76
C LYS B 468 -18.44 -34.07 41.43
N GLN B 469 -17.55 -33.09 41.47
CA GLN B 469 -16.16 -33.30 41.12
C GLN B 469 -15.25 -32.99 42.30
N LYS B 470 -14.15 -33.71 42.36
CA LYS B 470 -13.06 -33.48 43.31
C LYS B 470 -12.48 -32.09 43.13
N SER B 471 -12.79 -31.17 44.06
CA SER B 471 -12.25 -29.82 43.95
C SER B 471 -10.73 -29.85 44.07
N LEU B 472 -10.08 -29.04 43.25
CA LEU B 472 -8.63 -29.06 43.16
C LEU B 472 -8.04 -28.32 44.36
N PRO B 473 -7.05 -28.90 45.05
CA PRO B 473 -6.54 -28.27 46.27
C PRO B 473 -5.71 -27.03 46.00
N TRP B 474 -5.13 -26.88 44.82
CA TRP B 474 -4.31 -25.72 44.54
C TRP B 474 -5.14 -24.49 44.19
N TYR B 475 -6.46 -24.60 44.08
CA TYR B 475 -7.25 -23.47 43.61
C TYR B 475 -8.66 -23.59 44.15
N ASP B 476 -9.10 -22.57 44.86
CA ASP B 476 -10.45 -22.48 45.38
C ASP B 476 -11.20 -21.41 44.59
N ARG B 477 -12.15 -21.83 43.77
CA ARG B 477 -12.83 -20.89 42.90
C ARG B 477 -13.95 -20.13 43.60
N ARG B 478 -14.31 -20.50 44.83
CA ARG B 478 -15.28 -19.74 45.60
C ARG B 478 -14.62 -18.67 46.45
N LYS B 479 -13.49 -18.98 47.10
CA LYS B 479 -12.71 -17.96 47.78
C LYS B 479 -11.86 -17.12 46.82
N LYS B 480 -11.76 -17.53 45.56
CA LYS B 480 -10.90 -16.86 44.59
C LYS B 480 -9.45 -16.87 45.08
N GLN B 481 -8.92 -18.07 45.25
CA GLN B 481 -7.62 -18.19 45.89
C GLN B 481 -6.82 -19.36 45.33
N LEU B 482 -5.54 -19.11 45.11
CA LEU B 482 -4.56 -20.14 44.86
C LEU B 482 -3.92 -20.52 46.17
N MET B 483 -3.73 -21.82 46.38
CA MET B 483 -3.07 -22.32 47.58
C MET B 483 -1.95 -23.28 47.21
N SER B 484 -1.01 -23.41 48.13
CA SER B 484 -0.08 -24.53 48.16
C SER B 484 0.78 -24.60 46.92
N ASP B 485 0.78 -25.78 46.29
CA ASP B 485 1.62 -26.16 45.15
C ASP B 485 1.28 -25.42 43.86
N TRP B 486 0.34 -24.47 43.89
CA TRP B 486 -0.37 -24.10 42.67
C TRP B 486 0.59 -23.79 41.52
N ALA B 487 1.73 -23.14 41.82
CA ALA B 487 2.69 -22.85 40.77
C ALA B 487 3.16 -24.11 40.07
N ASP B 488 3.35 -25.18 40.83
CA ASP B 488 3.80 -26.44 40.23
C ASP B 488 2.66 -27.24 39.61
N ALA B 489 1.41 -26.89 39.90
CA ALA B 489 0.28 -27.68 39.43
C ALA B 489 -0.25 -27.23 38.08
N THR B 490 0.00 -26.00 37.67
CA THR B 490 -0.70 -25.46 36.52
C THR B 490 0.24 -24.62 35.68
N ILE B 491 -0.15 -24.44 34.42
CA ILE B 491 0.57 -23.55 33.52
C ILE B 491 -0.30 -22.37 33.09
N THR B 492 -1.41 -22.14 33.78
CA THR B 492 -2.30 -21.03 33.45
C THR B 492 -1.56 -19.70 33.45
N HIS B 493 -0.65 -19.52 34.41
CA HIS B 493 0.07 -18.26 34.57
C HIS B 493 1.32 -18.15 33.69
N GLU B 494 1.84 -19.25 33.16
CA GLU B 494 3.13 -19.21 32.46
C GLU B 494 2.88 -19.19 30.96
N HIS B 495 2.86 -17.97 30.39
CA HIS B 495 2.38 -17.79 29.03
C HIS B 495 3.36 -18.29 27.98
N ALA B 496 4.66 -18.33 28.26
CA ALA B 496 5.59 -18.77 27.23
C ALA B 496 5.43 -20.24 26.87
N VAL B 497 4.80 -21.05 27.72
CA VAL B 497 4.62 -22.48 27.44
C VAL B 497 3.19 -22.81 27.06
N ARG B 498 2.35 -21.82 26.85
CA ARG B 498 0.96 -22.13 26.55
C ARG B 498 0.75 -22.27 25.06
N GLU B 499 -0.15 -23.20 24.69
CA GLU B 499 -0.64 -23.33 23.34
C GLU B 499 -2.12 -22.98 23.32
N LEU B 500 -2.58 -22.44 22.18
CA LEU B 500 -3.91 -21.86 22.05
C LEU B 500 -4.92 -22.92 21.62
N PHE B 501 -5.78 -23.32 22.54
CA PHE B 501 -6.80 -24.33 22.27
C PHE B 501 -8.17 -23.67 22.25
N ALA B 502 -9.01 -24.09 21.32
CA ALA B 502 -10.41 -23.66 21.31
C ALA B 502 -11.01 -23.86 22.69
N PRO B 503 -11.74 -22.88 23.22
CA PRO B 503 -12.39 -23.04 24.52
C PRO B 503 -13.21 -24.32 24.59
N CYS B 504 -13.19 -24.99 25.75
CA CYS B 504 -13.86 -26.28 25.81
C CYS B 504 -15.36 -26.13 25.59
N HIS B 505 -15.90 -27.03 24.77
CA HIS B 505 -17.33 -27.09 24.51
C HIS B 505 -17.87 -28.52 24.61
N HIS B 506 -17.14 -29.42 25.29
CA HIS B 506 -17.60 -30.78 25.51
C HIS B 506 -18.82 -30.81 26.42
N ASP B 507 -19.50 -31.96 26.42
CA ASP B 507 -20.68 -32.12 27.26
C ASP B 507 -20.35 -32.57 28.68
N GLY B 508 -19.16 -33.06 28.95
CA GLY B 508 -18.91 -33.60 30.27
C GLY B 508 -18.37 -32.60 31.27
N PRO B 509 -18.00 -33.08 32.46
CA PRO B 509 -17.04 -32.35 33.27
C PRO B 509 -15.74 -32.25 32.50
N CYS B 510 -15.01 -31.14 32.70
CA CYS B 510 -13.70 -30.99 32.08
C CYS B 510 -12.69 -31.93 32.71
N THR B 511 -12.48 -33.04 32.03
CA THR B 511 -11.56 -34.07 32.45
C THR B 511 -10.84 -34.53 31.21
N ALA B 512 -9.67 -35.17 31.39
CA ALA B 512 -9.05 -35.80 30.22
C ALA B 512 -9.98 -36.79 29.53
N ALA B 513 -10.97 -37.31 30.26
CA ALA B 513 -11.84 -38.34 29.70
C ALA B 513 -12.81 -37.77 28.68
N ASN B 514 -13.38 -36.59 28.94
CA ASN B 514 -14.22 -35.93 27.95
C ASN B 514 -13.42 -35.11 26.95
N GLY B 515 -12.11 -35.30 26.89
CA GLY B 515 -11.32 -34.56 25.94
C GLY B 515 -11.34 -33.07 26.15
N CYS B 516 -11.50 -32.62 27.40
CA CYS B 516 -11.42 -31.20 27.68
C CYS B 516 -10.00 -30.69 27.49
N PRO B 517 -9.72 -29.84 26.50
CA PRO B 517 -8.35 -29.37 26.29
C PRO B 517 -7.82 -28.54 27.44
N CYS B 518 -8.69 -27.95 28.27
CA CYS B 518 -8.20 -27.10 29.34
C CYS B 518 -7.50 -27.93 30.41
N ALA B 519 -8.08 -29.06 30.79
CA ALA B 519 -7.45 -29.91 31.78
C ALA B 519 -6.37 -30.80 31.17
N SER B 520 -6.41 -31.06 29.86
CA SER B 520 -5.65 -32.16 29.32
C SER B 520 -4.77 -31.81 28.12
N ALA B 521 -5.08 -30.75 27.37
CA ALA B 521 -4.32 -30.51 26.14
C ALA B 521 -2.89 -30.07 26.43
N GLY B 522 -2.66 -29.46 27.57
CA GLY B 522 -1.35 -28.94 27.90
C GLY B 522 -0.57 -29.91 28.77
N THR B 523 0.68 -29.55 29.03
CA THR B 523 1.50 -30.34 29.94
C THR B 523 0.90 -30.36 31.34
N HIS B 524 0.19 -29.29 31.71
CA HIS B 524 -0.57 -29.22 32.94
C HIS B 524 -1.95 -28.66 32.63
N PRO B 525 -2.90 -28.82 33.55
CA PRO B 525 -4.21 -28.18 33.36
C PRO B 525 -4.14 -26.66 33.42
N VAL B 526 -4.92 -26.01 32.56
CA VAL B 526 -5.20 -24.58 32.63
C VAL B 526 -6.64 -24.41 33.10
N LEU B 527 -6.92 -23.26 33.73
CA LEU B 527 -8.29 -22.93 34.11
C LEU B 527 -9.18 -22.75 32.89
N CYS B 528 -10.43 -23.17 32.99
CA CYS B 528 -11.42 -22.80 31.98
C CYS B 528 -11.72 -21.30 32.05
N GLU B 529 -11.84 -20.68 30.88
CA GLU B 529 -12.01 -19.23 30.78
C GLU B 529 -13.46 -18.87 30.49
N ARG B 530 -13.71 -17.58 30.28
CA ARG B 530 -15.08 -17.11 30.13
C ARG B 530 -15.78 -17.73 28.91
N PHE B 531 -15.03 -18.11 27.87
CA PHE B 531 -15.67 -18.67 26.69
C PHE B 531 -15.92 -20.18 26.78
N CYS B 532 -15.36 -20.88 27.77
CA CYS B 532 -15.65 -22.31 27.93
C CYS B 532 -17.12 -22.50 28.31
N LEU B 533 -17.76 -23.51 27.72
CA LEU B 533 -19.17 -23.71 28.02
C LEU B 533 -19.44 -24.24 29.43
N CYS B 534 -18.42 -24.59 30.21
CA CYS B 534 -18.69 -24.92 31.60
C CYS B 534 -19.15 -23.67 32.35
N THR B 535 -19.75 -23.90 33.52
CA THR B 535 -20.06 -22.86 34.48
C THR B 535 -19.25 -23.09 35.75
N ALA B 536 -19.19 -22.05 36.58
CA ALA B 536 -18.43 -22.17 37.83
C ALA B 536 -19.02 -23.22 38.75
N GLU B 537 -20.33 -23.47 38.64
CA GLU B 537 -20.94 -24.45 39.53
C GLU B 537 -20.60 -25.87 39.12
N GLU B 538 -20.35 -26.10 37.83
CA GLU B 538 -20.01 -27.44 37.36
C GLU B 538 -18.52 -27.74 37.53
N CYS B 539 -17.67 -26.82 37.07
CA CYS B 539 -16.27 -27.10 36.74
C CYS B 539 -15.36 -26.54 37.82
N PRO B 540 -14.53 -27.35 38.50
CA PRO B 540 -13.62 -26.78 39.50
C PRO B 540 -12.45 -26.04 38.89
N LEU B 541 -12.30 -26.05 37.57
CA LEU B 541 -11.26 -25.30 36.87
C LEU B 541 -11.74 -23.92 36.40
N LYS B 542 -12.99 -23.55 36.64
CA LYS B 542 -13.55 -22.34 36.06
C LYS B 542 -12.97 -21.12 36.79
N PHE B 543 -12.45 -20.16 36.01
CA PHE B 543 -11.94 -18.93 36.59
C PHE B 543 -13.09 -18.01 37.02
N THR B 544 -12.98 -17.45 38.22
CA THR B 544 -14.07 -16.66 38.77
C THR B 544 -13.70 -15.20 39.08
N GLY B 545 -12.56 -14.70 38.60
CA GLY B 545 -12.15 -13.34 38.92
C GLY B 545 -11.45 -13.26 40.28
N CYS B 546 -11.10 -12.03 40.68
CA CYS B 546 -10.49 -11.87 41.99
C CYS B 546 -11.51 -11.40 43.05
N ALA B 547 -11.08 -11.53 44.30
CA ALA B 547 -11.86 -11.19 45.48
C ALA B 547 -11.53 -9.81 46.03
N CYS B 548 -10.58 -9.11 45.44
CA CYS B 548 -10.16 -7.84 46.01
C CYS B 548 -11.31 -6.87 46.08
N HIS B 549 -11.35 -6.09 47.16
CA HIS B 549 -12.20 -4.91 47.25
C HIS B 549 -11.58 -4.02 48.33
N SER B 550 -11.66 -2.71 48.12
CA SER B 550 -10.97 -1.77 48.99
C SER B 550 -11.34 -0.34 48.63
N SER B 551 -11.63 0.49 49.64
CA SER B 551 -11.80 1.91 49.39
C SER B 551 -10.49 2.58 48.99
N GLY B 552 -9.36 1.91 49.20
CA GLY B 552 -8.04 2.30 48.76
C GLY B 552 -7.63 1.57 47.51
N LYS B 553 -6.33 1.49 47.26
CA LYS B 553 -5.86 0.80 46.07
C LYS B 553 -5.84 -0.70 46.29
N THR B 554 -6.21 -1.46 45.25
CA THR B 554 -6.27 -2.91 45.37
C THR B 554 -5.88 -3.54 44.04
N CYS B 555 -5.74 -4.88 44.06
CA CYS B 555 -5.10 -5.66 42.99
C CYS B 555 -3.75 -5.06 42.62
N LEU B 556 -2.86 -5.07 43.59
CA LEU B 556 -1.50 -4.58 43.40
C LEU B 556 -0.54 -5.77 43.28
N GLN B 557 0.73 -5.46 43.05
CA GLN B 557 1.73 -6.52 43.10
C GLN B 557 2.00 -6.95 44.53
N ARG B 558 2.49 -6.02 45.35
CA ARG B 558 2.86 -6.31 46.75
C ARG B 558 1.70 -5.90 47.66
N GLN B 559 0.68 -6.74 47.70
CA GLN B 559 -0.57 -6.43 48.43
C GLN B 559 -0.35 -6.30 49.93
N GLY B 562 -3.64 -7.78 52.78
CA GLY B 562 -4.00 -9.09 53.31
C GLY B 562 -3.71 -10.21 52.33
N ARG B 563 -4.77 -10.80 51.77
CA ARG B 563 -4.60 -11.78 50.71
C ARG B 563 -4.09 -11.10 49.45
N PRO B 564 -3.34 -11.83 48.61
CA PRO B 564 -2.94 -11.29 47.31
C PRO B 564 -4.09 -11.40 46.30
N CYS B 565 -3.87 -10.76 45.16
CA CYS B 565 -4.85 -10.73 44.08
C CYS B 565 -4.58 -11.90 43.13
N ILE B 566 -5.58 -12.78 42.97
CA ILE B 566 -5.36 -13.95 42.14
C ILE B 566 -5.13 -13.57 40.68
N CYS B 567 -5.70 -12.45 40.23
CA CYS B 567 -5.46 -12.04 38.84
C CYS B 567 -4.00 -11.66 38.62
N VAL B 568 -3.39 -10.96 39.58
CA VAL B 568 -1.99 -10.60 39.46
C VAL B 568 -1.11 -11.86 39.46
N GLN B 569 -1.42 -12.83 40.33
CA GLN B 569 -0.60 -14.04 40.41
C GLN B 569 -0.69 -14.85 39.13
N LEU B 570 -1.85 -14.89 38.49
CA LEU B 570 -1.99 -15.58 37.22
C LEU B 570 -1.42 -14.78 36.04
N ASN B 571 -0.77 -13.64 36.29
CA ASN B 571 -0.22 -12.76 35.24
C ASN B 571 -1.29 -12.38 34.24
N ARG B 572 -2.45 -12.00 34.74
CA ARG B 572 -3.52 -11.48 33.91
C ARG B 572 -4.04 -10.18 34.48
N GLU B 573 -4.71 -9.41 33.64
CA GLU B 573 -5.43 -8.26 34.17
C GLU B 573 -6.82 -8.68 34.65
N CYS B 574 -7.48 -7.79 35.40
CA CYS B 574 -8.77 -8.15 35.95
C CYS B 574 -9.83 -8.18 34.85
N ASP B 575 -10.88 -8.97 35.07
CA ASP B 575 -11.96 -9.07 34.10
C ASP B 575 -13.06 -8.11 34.52
N PRO B 576 -13.46 -7.17 33.66
CA PRO B 576 -14.56 -6.25 34.01
C PRO B 576 -15.77 -6.93 34.59
N THR B 577 -16.10 -8.12 34.09
CA THR B 577 -17.33 -8.80 34.50
C THR B 577 -17.14 -9.62 35.78
N LEU B 578 -16.05 -10.40 35.86
CA LEU B 578 -15.92 -11.33 36.98
C LEU B 578 -15.23 -10.73 38.19
N CYS B 579 -14.46 -9.65 38.02
CA CYS B 579 -13.79 -9.01 39.14
C CYS B 579 -14.70 -7.86 39.58
N LYS B 580 -15.60 -8.16 40.51
CA LYS B 580 -16.67 -7.24 40.86
C LYS B 580 -16.42 -6.46 42.15
N GLY B 581 -15.39 -6.79 42.91
CA GLY B 581 -15.12 -5.99 44.10
C GLY B 581 -14.10 -4.88 43.91
N CYS B 582 -13.19 -5.05 42.95
CA CYS B 582 -12.11 -4.10 42.79
C CYS B 582 -12.54 -2.86 42.00
N GLY B 583 -13.70 -2.89 41.36
CA GLY B 583 -14.09 -1.78 40.55
C GLY B 583 -13.50 -1.84 39.17
N ALA B 584 -13.11 -3.04 38.74
CA ALA B 584 -12.61 -3.23 37.39
C ALA B 584 -13.65 -2.84 36.34
N ARG B 585 -14.93 -3.05 36.64
CA ARG B 585 -15.97 -2.75 35.68
C ARG B 585 -15.85 -1.33 35.17
N GLU B 586 -15.53 -0.39 36.06
CA GLU B 586 -15.41 0.99 35.64
C GLU B 586 -13.99 1.35 35.20
N ARG B 587 -12.99 0.85 35.90
CA ARG B 587 -11.62 1.25 35.61
C ARG B 587 -11.05 0.61 34.35
N ALA B 588 -11.65 -0.47 33.85
CA ALA B 588 -11.27 -1.03 32.55
C ALA B 588 -12.13 -0.47 31.40
N ASP B 589 -12.90 0.57 31.66
CA ASP B 589 -13.69 1.21 30.61
C ASP B 589 -12.85 2.35 30.03
N PRO B 590 -12.51 2.32 28.74
CA PRO B 590 -11.61 3.37 28.23
C PRO B 590 -12.20 4.75 28.36
N GLU B 591 -13.53 4.87 28.43
CA GLU B 591 -14.19 6.17 28.59
C GLU B 591 -13.94 6.82 29.93
N ASN B 592 -13.41 6.10 30.91
CA ASN B 592 -13.00 6.72 32.16
C ASN B 592 -11.48 6.73 32.32
N ALA B 593 -10.73 6.60 31.21
CA ALA B 593 -9.27 6.50 31.28
C ALA B 593 -8.59 7.68 31.93
N TYR B 594 -9.22 8.86 31.95
CA TYR B 594 -8.57 10.06 32.46
C TYR B 594 -9.23 10.58 33.73
N ASP B 595 -10.16 9.83 34.30
CA ASP B 595 -10.67 10.09 35.64
C ASP B 595 -9.60 9.70 36.67
N GLU B 596 -8.67 10.63 36.92
CA GLU B 596 -7.62 10.41 37.91
C GLU B 596 -8.17 10.06 39.29
N VAL B 597 -9.32 10.63 39.68
CA VAL B 597 -9.86 10.33 41.00
C VAL B 597 -10.34 8.89 41.06
N LEU B 598 -11.08 8.45 40.05
CA LEU B 598 -11.46 7.05 39.96
C LEU B 598 -10.27 6.12 40.15
N HIS B 599 -9.25 6.29 39.31
CA HIS B 599 -8.07 5.42 39.25
C HIS B 599 -7.11 5.61 40.41
N SER B 600 -7.37 6.55 41.33
CA SER B 600 -6.53 6.66 42.51
C SER B 600 -6.95 5.68 43.61
N THR B 601 -8.10 5.01 43.49
CA THR B 601 -8.43 3.89 44.37
C THR B 601 -8.81 2.69 43.52
N GLY B 602 -9.18 1.61 44.18
CA GLY B 602 -9.71 0.49 43.45
C GLY B 602 -8.66 -0.24 42.61
N CYS B 603 -9.18 -0.97 41.62
CA CYS B 603 -8.36 -1.90 40.84
C CYS B 603 -7.21 -1.16 40.16
N GLN B 604 -5.99 -1.63 40.42
CA GLN B 604 -4.77 -1.07 39.86
C GLN B 604 -4.15 -1.97 38.80
N ASN B 605 -4.94 -2.87 38.23
CA ASN B 605 -4.44 -3.93 37.36
C ASN B 605 -5.39 -4.09 36.17
N VAL B 606 -5.66 -2.99 35.48
CA VAL B 606 -6.44 -3.00 34.24
C VAL B 606 -5.83 -1.95 33.33
N ALA B 607 -4.54 -1.68 33.50
CA ALA B 607 -3.88 -0.59 32.77
C ALA B 607 -3.97 -0.76 31.26
N LEU B 608 -3.92 -1.99 30.76
CA LEU B 608 -3.94 -2.18 29.32
C LEU B 608 -5.33 -1.93 28.75
N GLN B 609 -6.38 -2.31 29.48
CA GLN B 609 -7.72 -2.00 29.01
C GLN B 609 -8.07 -0.55 29.26
N ARG B 610 -7.52 0.04 30.33
CA ARG B 610 -7.68 1.46 30.52
C ARG B 610 -7.15 2.22 29.32
N GLY B 611 -6.07 1.70 28.72
CA GLY B 611 -5.54 2.20 27.46
C GLY B 611 -4.86 3.56 27.49
N ALA B 612 -4.50 4.06 28.67
CA ALA B 612 -3.89 5.38 28.79
C ALA B 612 -2.42 5.21 29.13
N ALA B 613 -1.56 5.77 28.30
CA ALA B 613 -0.12 5.66 28.49
C ALA B 613 0.42 6.91 29.18
N LYS B 614 1.59 6.76 29.80
CA LYS B 614 2.32 7.91 30.31
C LYS B 614 2.76 8.81 29.16
N ALA B 615 2.79 10.12 29.41
CA ALA B 615 3.26 11.09 28.42
C ALA B 615 4.71 10.80 28.03
N VAL B 616 4.94 10.49 26.76
CA VAL B 616 6.27 10.19 26.27
C VAL B 616 6.50 10.94 24.96
N VAL B 617 7.77 11.04 24.55
CA VAL B 617 8.13 11.84 23.39
C VAL B 617 9.34 11.24 22.72
N LEU B 618 9.30 11.23 21.39
CA LEU B 618 10.41 10.72 20.58
C LEU B 618 11.58 11.70 20.57
N GLY B 619 12.79 11.16 20.64
CA GLY B 619 13.94 12.03 20.58
C GLY B 619 15.14 11.31 20.01
N LYS B 620 16.24 12.05 19.89
CA LYS B 620 17.51 11.44 19.54
C LYS B 620 18.08 10.79 20.79
N SER B 621 18.46 9.52 20.69
CA SER B 621 18.89 8.83 21.89
C SER B 621 20.23 9.37 22.39
N GLN B 622 20.42 9.31 23.71
CA GLN B 622 21.69 9.70 24.32
C GLN B 622 22.80 8.71 24.03
N LEU B 623 22.48 7.47 23.67
CA LEU B 623 23.53 6.48 23.44
C LEU B 623 24.20 6.73 22.09
N GLU B 624 25.53 6.80 22.10
CA GLU B 624 26.32 6.96 20.88
C GLU B 624 26.45 5.58 20.26
N ALA B 625 25.37 5.15 19.61
CA ALA B 625 25.24 3.79 19.13
C ALA B 625 23.83 3.57 18.57
N CYS B 626 22.87 4.21 19.22
CA CYS B 626 21.48 4.17 18.84
C CYS B 626 21.12 5.41 18.06
N GLY B 627 19.98 5.35 17.38
CA GLY B 627 19.40 6.49 16.67
C GLY B 627 18.40 7.16 17.54
N TYR B 628 17.12 6.77 17.44
CA TYR B 628 16.06 7.33 18.26
C TYR B 628 16.02 6.65 19.62
N GLY B 629 15.46 7.37 20.60
CA GLY B 629 15.04 6.79 21.85
C GLY B 629 13.77 7.47 22.31
N LEU B 630 13.16 6.90 23.33
CA LEU B 630 11.92 7.43 23.87
C LEU B 630 12.20 8.04 25.24
N PHE B 631 11.56 9.17 25.50
CA PHE B 631 11.84 9.96 26.69
C PHE B 631 10.54 10.20 27.43
N ALA B 632 10.63 10.25 28.76
CA ALA B 632 9.47 10.55 29.58
C ALA B 632 9.13 12.01 29.46
N ALA B 633 7.86 12.30 29.19
CA ALA B 633 7.38 13.67 29.13
C ALA B 633 6.67 14.09 30.41
N GLU B 634 6.48 13.15 31.35
CA GLU B 634 5.98 13.45 32.67
C GLU B 634 6.75 12.63 33.69
N ASP B 635 6.46 12.86 34.96
CA ASP B 635 7.06 12.09 36.04
C ASP B 635 6.40 10.73 36.14
N ILE B 636 7.20 9.68 36.26
CA ILE B 636 6.69 8.33 36.41
C ILE B 636 7.26 7.75 37.70
N GLU B 637 6.41 7.14 38.52
CA GLU B 637 6.78 6.49 39.77
C GLU B 637 6.92 4.98 39.58
N GLU B 638 7.82 4.37 40.34
CA GLU B 638 8.05 2.95 40.21
C GLU B 638 6.75 2.17 40.43
N GLY B 639 6.47 1.24 39.52
CA GLY B 639 5.27 0.44 39.58
C GLY B 639 4.19 0.87 38.61
N GLU B 640 4.27 2.08 38.08
CA GLU B 640 3.25 2.56 37.17
C GLU B 640 3.41 1.95 35.79
N PHE B 641 2.28 1.69 35.17
CA PHE B 641 2.27 1.31 33.77
C PHE B 641 2.73 2.46 32.89
N VAL B 642 3.62 2.18 31.94
CA VAL B 642 4.17 3.21 31.07
C VAL B 642 3.48 3.19 29.70
N ILE B 643 3.51 2.09 29.02
CA ILE B 643 3.03 1.99 27.63
C ILE B 643 2.87 0.51 27.28
N GLU B 644 2.08 0.23 26.23
CA GLU B 644 1.97 -1.08 25.63
C GLU B 644 2.91 -1.17 24.43
N TYR B 645 3.46 -2.36 24.22
CA TYR B 645 4.23 -2.66 23.01
C TYR B 645 3.26 -3.24 21.99
N THR B 646 2.80 -2.42 21.05
CA THR B 646 1.94 -2.94 20.00
C THR B 646 2.73 -3.18 18.72
N GLY B 647 2.09 -3.83 17.76
CA GLY B 647 2.73 -4.21 16.51
C GLY B 647 1.89 -5.19 15.70
N GLU B 648 2.51 -5.70 14.64
CA GLU B 648 1.90 -6.74 13.82
C GLU B 648 2.17 -8.09 14.46
N LEU B 649 1.12 -8.91 14.61
CA LEU B 649 1.26 -10.27 15.15
C LEU B 649 1.58 -11.22 14.01
N ILE B 650 2.70 -11.95 14.12
CA ILE B 650 3.15 -12.81 13.02
C ILE B 650 3.54 -14.19 13.53
N SER B 651 3.62 -15.10 12.59
CA SER B 651 4.05 -16.47 12.82
C SER B 651 5.57 -16.60 12.72
N HIS B 652 6.07 -17.76 13.15
CA HIS B 652 7.51 -18.03 13.11
C HIS B 652 8.06 -17.85 11.70
N ASP B 653 7.44 -18.48 10.71
CA ASP B 653 7.98 -18.42 9.37
C ASP B 653 7.83 -17.04 8.76
N GLU B 654 6.77 -16.34 9.14
CA GLU B 654 6.63 -14.96 8.71
C GLU B 654 7.76 -14.11 9.26
N GLY B 655 8.22 -14.40 10.48
CA GLY B 655 9.34 -13.64 11.01
C GLY B 655 10.61 -13.95 10.28
N VAL B 656 10.82 -15.22 9.97
CA VAL B 656 11.97 -15.65 9.17
C VAL B 656 11.94 -14.94 7.82
N ARG B 657 10.80 -15.00 7.13
CA ARG B 657 10.70 -14.35 5.83
C ARG B 657 11.01 -12.86 5.90
N ARG B 658 10.65 -12.22 7.00
CA ARG B 658 10.85 -10.78 7.12
C ARG B 658 12.28 -10.44 7.50
N GLU B 659 12.93 -11.31 8.27
CA GLU B 659 14.35 -11.13 8.54
C GLU B 659 15.16 -11.22 7.24
N HIS B 660 14.78 -12.11 6.32
CA HIS B 660 15.45 -12.14 5.02
C HIS B 660 15.18 -10.88 4.22
N ARG B 661 13.91 -10.51 4.08
CA ARG B 661 13.52 -9.43 3.18
C ARG B 661 14.05 -8.09 3.66
N ARG B 662 14.45 -8.00 4.92
CA ARG B 662 15.03 -6.81 5.50
C ARG B 662 16.55 -6.91 5.64
N GLY B 663 17.17 -7.87 4.98
CA GLY B 663 18.62 -7.98 4.99
C GLY B 663 19.23 -8.38 6.31
N ASP B 664 18.43 -8.81 7.27
CA ASP B 664 18.98 -9.14 8.58
C ASP B 664 19.81 -10.43 8.54
N VAL B 665 19.56 -11.28 7.57
CA VAL B 665 20.24 -12.55 7.47
C VAL B 665 21.56 -12.36 6.73
N ASN B 670 25.57 -8.32 13.66
CA ASN B 670 24.81 -7.09 13.41
C ASN B 670 23.30 -7.30 13.28
N LYS B 671 22.57 -7.08 14.39
CA LYS B 671 21.13 -7.33 14.44
C LYS B 671 20.37 -6.12 13.93
N VAL B 672 19.55 -6.34 12.91
CA VAL B 672 18.73 -5.28 12.32
C VAL B 672 17.24 -5.56 12.48
N SER B 673 16.84 -6.77 12.86
CA SER B 673 15.44 -7.15 13.03
C SER B 673 15.13 -7.33 14.51
N TYR B 674 13.99 -6.78 14.95
CA TYR B 674 13.53 -6.91 16.34
C TYR B 674 12.08 -7.37 16.36
N LEU B 675 11.87 -8.56 16.90
CA LEU B 675 10.60 -9.28 16.85
C LEU B 675 10.29 -9.72 18.28
N PHE B 676 9.48 -8.92 18.97
CA PHE B 676 9.15 -9.22 20.37
C PHE B 676 8.38 -10.55 20.47
N THR B 677 8.92 -11.49 21.24
CA THR B 677 8.21 -12.74 21.49
C THR B 677 6.99 -12.48 22.36
N LEU B 678 5.81 -12.74 21.83
CA LEU B 678 4.60 -12.66 22.64
C LEU B 678 4.23 -14.03 23.24
N LEU B 679 4.17 -15.07 22.41
CA LEU B 679 3.86 -16.41 22.90
C LEU B 679 4.87 -17.36 22.27
N GLU B 680 5.88 -17.76 23.05
CA GLU B 680 6.99 -18.55 22.52
C GLU B 680 6.53 -19.91 22.00
N GLN B 681 5.81 -20.66 22.83
CA GLN B 681 5.43 -22.02 22.43
C GLN B 681 4.41 -22.00 21.32
N GLU B 682 3.47 -21.05 21.36
CA GLU B 682 2.49 -20.95 20.28
C GLU B 682 3.13 -20.39 19.02
N GLY B 683 4.21 -19.64 19.16
CA GLY B 683 4.84 -19.01 18.03
C GLY B 683 4.17 -17.75 17.52
N ILE B 684 4.08 -16.73 18.34
CA ILE B 684 3.59 -15.43 17.89
C ILE B 684 4.61 -14.37 18.32
N TRP B 685 5.03 -13.54 17.37
CA TRP B 685 5.90 -12.41 17.64
C TRP B 685 5.19 -11.14 17.27
N VAL B 686 5.65 -10.04 17.84
CA VAL B 686 5.12 -8.70 17.60
C VAL B 686 6.22 -7.91 16.89
N ASP B 687 5.92 -7.46 15.69
CA ASP B 687 6.85 -6.73 14.85
C ASP B 687 6.32 -5.31 14.72
N ALA B 688 7.02 -4.34 15.31
CA ALA B 688 6.60 -2.95 15.23
C ALA B 688 7.39 -2.17 14.18
N ALA B 689 7.95 -2.85 13.19
CA ALA B 689 8.81 -2.20 12.22
C ALA B 689 8.09 -1.07 11.50
N ILE B 690 6.80 -1.28 11.23
CA ILE B 690 6.00 -0.35 10.47
C ILE B 690 4.79 0.13 11.27
N TYR B 691 4.04 -0.82 11.83
CA TYR B 691 2.88 -0.54 12.67
C TYR B 691 3.18 -0.87 14.11
N GLY B 692 2.93 0.08 15.00
CA GLY B 692 3.10 -0.12 16.42
C GLY B 692 2.87 1.19 17.13
N ASN B 693 3.69 1.52 18.10
CA ASN B 693 3.54 2.84 18.72
C ASN B 693 4.92 3.31 19.19
N LEU B 694 4.94 4.34 20.05
CA LEU B 694 6.22 4.91 20.44
C LEU B 694 7.08 3.95 21.24
N SER B 695 6.51 2.88 21.80
CA SER B 695 7.33 1.92 22.53
C SER B 695 8.38 1.29 21.64
N ARG B 696 8.20 1.33 20.32
CA ARG B 696 9.19 0.71 19.43
C ARG B 696 10.53 1.43 19.44
N TYR B 697 10.60 2.64 20.00
CA TYR B 697 11.84 3.39 20.06
C TYR B 697 12.57 3.24 21.38
N ILE B 698 12.11 2.40 22.29
CA ILE B 698 12.76 2.28 23.59
C ILE B 698 14.06 1.51 23.43
N ASN B 699 15.15 2.08 23.90
CA ASN B 699 16.48 1.50 23.73
C ASN B 699 16.80 0.46 24.80
N HIS B 700 17.79 -0.38 24.50
CA HIS B 700 18.26 -1.39 25.46
C HIS B 700 19.28 -0.84 26.45
N ALA B 701 19.20 -1.33 27.69
CA ALA B 701 20.20 -1.06 28.72
C ALA B 701 20.10 -2.19 29.72
N THR B 702 21.25 -2.69 30.17
CA THR B 702 21.24 -3.81 31.10
C THR B 702 20.57 -3.42 32.41
N ASP B 703 20.73 -2.17 32.82
CA ASP B 703 19.99 -1.64 33.96
C ASP B 703 19.03 -0.58 33.43
N GLY B 704 17.85 -1.04 32.96
CA GLY B 704 16.83 -0.12 32.49
C GLY B 704 15.91 0.34 33.57
N ASN B 705 15.11 1.35 33.25
CA ASN B 705 14.16 1.91 34.21
C ASN B 705 12.72 1.44 33.97
N ILE B 706 12.48 0.57 32.98
CA ILE B 706 11.19 -0.06 32.77
C ILE B 706 11.41 -1.52 32.42
N MET B 707 10.31 -2.28 32.44
CA MET B 707 10.34 -3.71 32.27
C MET B 707 9.09 -4.19 31.55
N PRO B 708 9.22 -5.04 30.53
CA PRO B 708 8.03 -5.58 29.86
C PRO B 708 7.47 -6.79 30.59
N LYS B 709 6.17 -7.01 30.43
CA LYS B 709 5.57 -8.23 30.92
C LYS B 709 4.40 -8.63 30.01
N ILE B 710 4.31 -9.92 29.72
CA ILE B 710 3.23 -10.45 28.92
C ILE B 710 2.06 -10.75 29.84
N MET B 711 0.90 -10.16 29.54
CA MET B 711 -0.29 -10.26 30.36
C MET B 711 -1.45 -10.82 29.55
N TYR B 712 -2.17 -11.78 30.14
CA TYR B 712 -3.44 -12.23 29.57
C TYR B 712 -4.51 -11.19 29.88
N VAL B 713 -5.19 -10.69 28.86
CA VAL B 713 -6.11 -9.57 28.98
C VAL B 713 -7.39 -9.95 28.22
N ASN B 714 -8.29 -10.66 28.90
CA ASN B 714 -9.59 -10.98 28.31
C ASN B 714 -9.42 -11.89 27.11
N HIS B 715 -8.54 -12.87 27.25
CA HIS B 715 -8.23 -13.84 26.20
C HIS B 715 -7.44 -13.24 25.05
N GLU B 716 -6.84 -12.05 25.24
CA GLU B 716 -5.76 -11.57 24.39
C GLU B 716 -4.46 -11.67 25.18
N TRP B 717 -3.34 -11.85 24.50
CA TRP B 717 -2.06 -11.70 25.16
C TRP B 717 -1.38 -10.43 24.67
N ARG B 718 -0.79 -9.68 25.59
CA ARG B 718 -0.38 -8.31 25.31
C ARG B 718 0.84 -7.97 26.15
N ILE B 719 1.57 -6.93 25.74
CA ILE B 719 2.84 -6.57 26.37
C ILE B 719 2.72 -5.20 27.00
N LYS B 720 2.90 -5.14 28.32
CA LYS B 720 2.91 -3.88 29.03
C LYS B 720 4.32 -3.57 29.53
N PHE B 721 4.64 -2.29 29.65
CA PHE B 721 5.86 -1.84 30.31
C PHE B 721 5.47 -1.14 31.60
N THR B 722 6.16 -1.50 32.67
CA THR B 722 5.97 -0.92 33.99
C THR B 722 7.30 -0.33 34.45
N ALA B 723 7.25 0.81 35.13
CA ALA B 723 8.47 1.47 35.57
C ALA B 723 9.06 0.71 36.74
N ILE B 724 10.37 0.46 36.71
CA ILE B 724 11.04 -0.21 37.82
C ILE B 724 11.89 0.75 38.64
N LYS B 725 12.17 1.95 38.15
CA LYS B 725 12.72 3.04 38.94
C LYS B 725 11.78 4.22 38.82
N ASP B 726 12.12 5.30 39.51
CA ASP B 726 11.42 6.55 39.34
C ASP B 726 12.07 7.31 38.21
N ILE B 727 11.27 7.73 37.24
CA ILE B 727 11.75 8.42 36.06
C ILE B 727 11.19 9.82 36.08
N LYS B 728 12.07 10.81 35.96
CA LYS B 728 11.56 12.17 35.90
C LYS B 728 11.38 12.55 34.44
N ALA B 729 10.51 13.53 34.22
CA ALA B 729 10.28 14.02 32.86
C ALA B 729 11.60 14.46 32.24
N GLY B 730 11.75 14.19 30.95
CA GLY B 730 12.96 14.47 30.24
C GLY B 730 13.98 13.35 30.25
N GLU B 731 13.83 12.35 31.11
CA GLU B 731 14.75 11.24 31.13
C GLU B 731 14.35 10.18 30.10
N GLU B 732 15.35 9.51 29.54
CA GLU B 732 15.14 8.47 28.54
C GLU B 732 14.75 7.15 29.19
N LEU B 733 13.95 6.36 28.47
CA LEU B 733 13.49 5.06 28.94
C LEU B 733 14.33 3.94 28.33
N PHE B 734 14.64 2.93 29.14
CA PHE B 734 15.45 1.80 28.73
C PHE B 734 14.89 0.53 29.36
N PHE B 735 15.04 -0.58 28.65
CA PHE B 735 14.77 -1.85 29.28
C PHE B 735 15.77 -2.87 28.75
N ASN B 736 15.99 -3.90 29.55
CA ASN B 736 16.92 -4.96 29.16
C ASN B 736 16.22 -5.88 28.16
N TYR B 737 16.63 -5.77 26.89
CA TYR B 737 15.99 -6.57 25.85
C TYR B 737 15.93 -8.05 26.18
N GLY B 738 16.92 -8.58 26.89
CA GLY B 738 16.92 -9.99 27.27
C GLY B 738 16.79 -10.90 26.06
N ASP B 739 16.01 -11.97 26.22
CA ASP B 739 15.71 -12.88 25.12
C ASP B 739 14.42 -12.52 24.39
N ASN B 740 13.91 -11.30 24.62
CA ASN B 740 12.63 -10.93 24.05
C ASN B 740 12.65 -10.83 22.54
N PHE B 741 13.83 -10.72 21.93
CA PHE B 741 13.94 -10.55 20.49
C PHE B 741 14.85 -11.62 19.93
N PRO B 742 14.40 -12.86 19.89
CA PRO B 742 15.24 -13.93 19.33
C PRO B 742 15.57 -13.64 17.87
N ASN B 743 16.69 -14.21 17.41
CA ASN B 743 17.02 -14.24 15.98
C ASN B 743 16.41 -15.52 15.42
N LEU B 744 15.26 -15.38 14.74
CA LEU B 744 14.49 -16.55 14.36
C LEU B 744 15.22 -17.40 13.31
N THR B 745 15.87 -16.75 12.33
CA THR B 745 16.55 -17.51 11.28
C THR B 745 17.74 -18.27 11.84
N LYS B 746 18.51 -17.63 12.72
CA LYS B 746 19.69 -18.29 13.29
C LYS B 746 19.32 -19.38 14.29
N LYS B 747 18.20 -19.23 15.00
CA LYS B 747 17.72 -20.34 15.82
C LYS B 747 17.37 -21.55 14.97
N LEU B 748 16.85 -21.32 13.76
CA LEU B 748 16.42 -22.40 12.88
C LEU B 748 17.57 -23.11 12.18
N VAL B 749 18.67 -22.40 11.89
CA VAL B 749 19.85 -23.03 11.30
C VAL B 749 20.67 -23.80 12.32
N GLU B 750 20.40 -23.64 13.60
CA GLU B 750 21.01 -24.49 14.63
C GLU B 750 20.12 -25.70 14.88
N PRO B 796 -1.95 19.29 32.22
CA PRO B 796 -0.97 20.17 31.57
C PRO B 796 0.25 19.40 31.03
N LEU B 797 0.18 18.91 29.79
CA LEU B 797 1.20 18.01 29.22
C LEU B 797 2.11 18.77 28.26
N LEU B 798 3.42 18.78 28.52
CA LEU B 798 4.29 19.67 27.76
C LEU B 798 5.64 19.00 27.49
N VAL B 799 6.26 19.38 26.36
CA VAL B 799 7.55 18.86 25.91
C VAL B 799 8.62 19.11 26.96
N PRO B 800 9.25 18.09 27.53
CA PRO B 800 10.27 18.34 28.56
C PRO B 800 11.50 19.04 28.00
N LYS B 801 12.34 19.53 28.92
CA LYS B 801 13.61 20.14 28.56
C LYS B 801 14.71 19.10 28.66
N THR B 802 15.35 18.79 27.54
CA THR B 802 16.40 17.77 27.55
C THR B 802 17.59 18.27 26.76
N THR B 803 18.67 17.50 26.83
CA THR B 803 19.83 17.75 25.98
C THR B 803 19.57 17.28 24.56
N GLN B 804 18.89 16.17 24.41
CA GLN B 804 18.63 15.62 23.10
C GLN B 804 17.52 16.39 22.39
N PRO B 805 17.61 16.52 21.07
CA PRO B 805 16.48 17.06 20.32
C PRO B 805 15.33 16.06 20.32
N LEU B 806 14.11 16.61 20.24
CA LEU B 806 12.87 15.86 20.30
C LEU B 806 12.09 16.10 19.01
N PHE B 807 11.34 15.08 18.59
CA PHE B 807 10.65 15.15 17.29
C PHE B 807 9.19 14.80 17.44
N ASP B 808 8.38 15.41 16.59
CA ASP B 808 7.02 14.98 16.45
C ASP B 808 7.02 13.58 15.81
N PRO B 809 6.31 12.61 16.39
CA PRO B 809 6.42 11.25 15.84
C PRO B 809 5.96 11.13 14.41
N LEU B 810 5.00 11.97 14.00
CA LEU B 810 4.43 11.91 12.66
C LEU B 810 5.22 12.74 11.64
N SER B 811 5.37 14.04 11.90
CA SER B 811 6.01 14.91 10.93
C SER B 811 7.53 14.86 11.01
N LYS B 812 8.06 14.37 12.12
CA LYS B 812 9.48 14.45 12.48
C LYS B 812 9.99 15.89 12.56
N VAL B 813 9.12 16.92 12.64
CA VAL B 813 9.64 18.26 12.93
C VAL B 813 10.15 18.27 14.35
N GLN B 814 11.12 19.14 14.61
CA GLN B 814 11.71 19.22 15.93
C GLN B 814 10.74 19.92 16.88
N LEU B 815 10.66 19.41 18.10
CA LEU B 815 9.83 20.02 19.13
C LEU B 815 10.64 21.05 19.91
N LEU B 816 9.97 22.12 20.33
CA LEU B 816 10.61 23.15 21.13
C LEU B 816 10.45 22.80 22.61
N PRO B 817 11.58 22.64 23.30
CA PRO B 817 11.36 22.24 24.67
C PRO B 817 10.54 23.31 25.30
N GLY B 818 9.44 22.83 25.86
CA GLY B 818 8.51 23.65 26.61
C GLY B 818 7.15 23.75 25.94
N GLN B 819 7.08 23.33 24.67
CA GLN B 819 5.84 23.38 23.91
C GLN B 819 4.92 22.22 24.30
N PRO B 820 3.65 22.31 23.90
CA PRO B 820 2.63 21.31 24.16
C PRO B 820 2.93 19.99 23.50
N LEU B 821 2.92 18.93 24.31
CA LEU B 821 3.16 17.60 23.82
C LEU B 821 2.16 17.32 22.68
N PRO B 822 2.65 17.01 21.48
CA PRO B 822 1.72 16.67 20.39
C PRO B 822 0.91 15.43 20.77
N GLN B 823 -0.41 15.55 20.71
CA GLN B 823 -1.33 14.45 21.01
C GLN B 823 -2.05 14.14 19.70
N HIS B 824 -1.49 13.22 18.91
CA HIS B 824 -2.20 13.13 17.63
C HIS B 824 -3.27 12.05 17.70
N PRO B 825 -4.49 12.34 17.24
CA PRO B 825 -5.53 11.31 17.21
C PRO B 825 -5.13 10.17 16.26
N ILE B 826 -5.36 8.93 16.72
CA ILE B 826 -4.90 7.77 15.97
C ILE B 826 -5.73 7.59 14.72
N ASP B 827 -5.05 7.47 13.61
CA ASP B 827 -5.66 7.42 12.29
C ASP B 827 -5.81 5.95 11.88
N ASP B 828 -7.05 5.48 11.74
CA ASP B 828 -7.34 4.07 11.52
C ASP B 828 -8.17 3.81 10.27
N SER B 829 -8.46 4.84 9.48
CA SER B 829 -9.22 4.68 8.24
C SER B 829 -8.62 3.63 7.32
N TRP B 830 -7.27 3.57 7.26
CA TRP B 830 -6.63 2.59 6.41
C TRP B 830 -6.86 1.17 6.94
N LEU B 831 -7.02 1.03 8.25
CA LEU B 831 -7.22 -0.27 8.86
C LEU B 831 -8.67 -0.73 8.70
N LEU B 832 -9.62 0.19 8.79
CA LEU B 832 -11.01 -0.17 8.54
C LEU B 832 -11.19 -0.60 7.09
N LEU B 833 -10.60 0.15 6.17
CA LEU B 833 -10.58 -0.22 4.76
C LEU B 833 -10.15 -1.67 4.58
N LYS B 834 -9.00 -2.04 5.14
CA LYS B 834 -8.50 -3.41 5.01
C LYS B 834 -9.55 -4.42 5.46
N HIS B 835 -10.21 -4.14 6.60
CA HIS B 835 -11.21 -5.06 7.12
C HIS B 835 -12.49 -5.05 6.29
N ARG B 836 -12.90 -3.89 5.79
CA ARG B 836 -14.03 -3.84 4.88
C ARG B 836 -13.76 -4.69 3.65
N ASP B 837 -12.59 -4.48 3.03
CA ASP B 837 -12.22 -5.24 1.86
C ASP B 837 -12.14 -6.74 2.13
N ASN B 838 -11.70 -7.12 3.33
CA ASN B 838 -11.61 -8.55 3.62
C ASN B 838 -12.98 -9.22 3.54
N LEU B 839 -14.02 -8.60 4.11
CA LEU B 839 -15.33 -9.23 4.02
C LEU B 839 -15.88 -9.19 2.60
N GLN B 840 -15.52 -8.15 1.85
CA GLN B 840 -16.02 -8.02 0.49
C GLN B 840 -15.43 -9.08 -0.42
N ASP B 841 -14.31 -9.68 -0.02
CA ASP B 841 -13.63 -10.67 -0.83
C ASP B 841 -14.32 -12.01 -0.86
N PHE B 842 -15.18 -12.27 0.10
CA PHE B 842 -15.80 -13.57 0.17
C PHE B 842 -16.76 -13.76 -1.00
N ILE B 843 -16.58 -14.86 -1.73
CA ILE B 843 -17.57 -15.33 -2.71
C ILE B 843 -18.74 -15.97 -2.00
N ASP B 844 -18.56 -16.25 -0.72
CA ASP B 844 -19.50 -16.96 0.14
C ASP B 844 -20.66 -16.08 0.61
N LEU B 845 -20.51 -14.76 0.60
CA LEU B 845 -21.47 -13.84 1.19
C LEU B 845 -22.25 -13.10 0.11
N ARG B 846 -23.54 -12.93 0.34
CA ARG B 846 -24.40 -12.14 -0.54
C ARG B 846 -24.17 -10.66 -0.32
N PRO B 847 -24.48 -9.83 -1.32
CA PRO B 847 -24.31 -8.38 -1.14
C PRO B 847 -24.99 -7.83 0.11
N GLU B 848 -26.18 -8.34 0.46
CA GLU B 848 -26.90 -7.81 1.60
C GLU B 848 -26.25 -8.19 2.93
N GLU B 849 -25.57 -9.34 3.00
CA GLU B 849 -24.80 -9.67 4.20
C GLU B 849 -23.58 -8.79 4.34
N LYS B 850 -22.76 -8.71 3.28
CA LYS B 850 -21.59 -7.84 3.31
C LYS B 850 -21.99 -6.40 3.66
N GLU B 851 -23.11 -5.93 3.12
CA GLU B 851 -23.46 -4.53 3.35
C GLU B 851 -23.65 -4.26 4.85
N PHE B 852 -24.38 -5.14 5.53
CA PHE B 852 -24.63 -4.92 6.94
C PHE B 852 -23.41 -5.27 7.78
N LEU B 853 -22.80 -6.45 7.51
CA LEU B 853 -21.60 -6.84 8.23
C LEU B 853 -20.56 -5.72 8.21
N GLN B 854 -20.33 -5.12 7.05
CA GLN B 854 -19.33 -4.07 6.95
C GLN B 854 -19.74 -2.84 7.74
N GLU B 855 -21.03 -2.53 7.76
CA GLU B 855 -21.51 -1.40 8.53
C GLU B 855 -21.26 -1.61 10.02
N TRP B 856 -21.69 -2.77 10.55
CA TRP B 856 -21.46 -3.10 11.95
C TRP B 856 -19.97 -3.09 12.27
N ASP B 857 -19.17 -3.80 11.49
CA ASP B 857 -17.73 -3.87 11.74
C ASP B 857 -17.08 -2.49 11.74
N ALA B 858 -17.50 -1.60 10.83
CA ALA B 858 -16.87 -0.28 10.81
C ALA B 858 -17.14 0.47 12.11
N PHE B 859 -18.29 0.26 12.72
CA PHE B 859 -18.58 0.85 14.03
C PHE B 859 -17.85 0.12 15.15
N ILE B 860 -18.04 -1.20 15.25
CA ILE B 860 -17.56 -1.94 16.42
C ILE B 860 -16.03 -2.02 16.42
N LEU B 861 -15.37 -2.07 15.26
CA LEU B 861 -13.91 -2.10 15.29
C LEU B 861 -13.35 -0.86 15.97
N ARG B 862 -13.93 0.31 15.67
CA ARG B 862 -13.47 1.57 16.27
C ARG B 862 -13.56 1.55 17.80
N ARG B 863 -14.42 0.71 18.38
CA ARG B 863 -14.57 0.66 19.82
C ARG B 863 -13.57 -0.25 20.54
N HIS B 864 -12.80 -1.09 19.82
CA HIS B 864 -11.76 -1.94 20.42
C HIS B 864 -12.24 -2.70 21.65
N ILE B 865 -13.34 -3.44 21.50
CA ILE B 865 -13.95 -4.15 22.62
C ILE B 865 -13.13 -5.38 22.96
N SER B 866 -12.81 -5.51 24.23
CA SER B 866 -12.24 -6.74 24.77
C SER B 866 -13.27 -7.53 25.56
N SER B 867 -14.26 -6.87 26.14
CA SER B 867 -15.11 -7.45 27.18
C SER B 867 -16.59 -7.37 26.82
N GLU B 868 -17.31 -8.46 27.07
CA GLU B 868 -18.76 -8.49 26.94
C GLU B 868 -19.40 -7.45 27.83
N GLN B 869 -18.71 -7.03 28.88
CA GLN B 869 -19.21 -6.03 29.79
C GLN B 869 -19.71 -4.80 29.05
N TYR B 870 -19.02 -4.39 27.98
CA TYR B 870 -19.28 -3.12 27.33
C TYR B 870 -20.04 -3.27 26.04
N LEU B 871 -20.34 -4.50 25.64
CA LEU B 871 -21.07 -4.69 24.38
C LEU B 871 -22.46 -4.05 24.42
N PRO B 872 -23.29 -4.27 25.44
CA PRO B 872 -24.65 -3.68 25.41
C PRO B 872 -24.64 -2.18 25.15
N ARG B 873 -23.73 -1.44 25.79
CA ARG B 873 -23.67 0.00 25.58
C ARG B 873 -23.35 0.32 24.13
N TYR B 874 -22.29 -0.27 23.60
CA TYR B 874 -21.90 0.01 22.24
C TYR B 874 -22.95 -0.45 21.24
N PHE B 875 -23.59 -1.58 21.50
CA PHE B 875 -24.67 -2.04 20.63
C PHE B 875 -25.76 -0.98 20.55
N LEU B 876 -26.10 -0.39 21.70
CA LEU B 876 -27.16 0.62 21.73
C LEU B 876 -26.73 1.91 21.03
N ARG B 877 -25.45 2.31 21.16
CA ARG B 877 -25.01 3.48 20.42
C ARG B 877 -25.03 3.24 18.92
N PHE B 878 -24.97 1.97 18.49
CA PHE B 878 -25.02 1.65 17.07
C PHE B 878 -26.44 1.68 16.55
N VAL B 879 -27.37 1.06 17.28
CA VAL B 879 -28.76 1.06 16.84
C VAL B 879 -29.26 2.50 16.73
N ARG B 880 -28.67 3.43 17.47
CA ARG B 880 -29.14 4.81 17.48
C ARG B 880 -28.51 5.63 16.38
N GLU B 881 -27.22 5.42 16.11
CA GLU B 881 -26.58 6.13 15.02
C GLU B 881 -27.01 5.62 13.65
N LYS B 882 -27.56 4.41 13.57
CA LYS B 882 -27.85 3.77 12.29
C LYS B 882 -29.31 3.37 12.16
N ALA B 883 -30.18 3.89 13.02
CA ALA B 883 -31.58 3.47 13.02
C ALA B 883 -32.26 3.88 11.73
N ASP B 884 -31.99 5.10 11.26
CA ASP B 884 -32.51 5.54 9.97
C ASP B 884 -32.08 4.58 8.88
N TRP B 885 -30.76 4.37 8.79
CA TRP B 885 -30.18 3.46 7.81
C TRP B 885 -30.78 2.06 7.91
N LEU B 886 -31.00 1.57 9.13
CA LEU B 886 -31.49 0.19 9.28
C LEU B 886 -32.91 0.02 8.75
N VAL B 887 -33.75 1.05 8.86
CA VAL B 887 -35.13 0.91 8.40
C VAL B 887 -35.31 1.19 6.91
N SER B 888 -34.32 1.84 6.26
CA SER B 888 -34.42 2.20 4.84
C SER B 888 -34.57 1.02 3.89
N LYS B 889 -34.22 -0.20 4.31
CA LYS B 889 -34.03 -1.27 3.34
C LYS B 889 -34.28 -2.59 4.05
N ARG B 890 -35.16 -3.41 3.49
CA ARG B 890 -35.58 -4.64 4.17
C ARG B 890 -34.38 -5.46 4.64
N SER B 891 -33.43 -5.73 3.73
CA SER B 891 -32.35 -6.66 4.02
C SER B 891 -31.53 -6.24 5.24
N ARG B 892 -31.39 -4.92 5.46
CA ARG B 892 -30.56 -4.41 6.55
C ARG B 892 -31.14 -4.78 7.92
N GLY B 893 -32.43 -4.50 8.13
CA GLY B 893 -33.06 -4.94 9.36
C GLY B 893 -33.00 -6.45 9.55
N GLU B 894 -33.24 -7.21 8.47
CA GLU B 894 -33.19 -8.66 8.57
C GLU B 894 -31.80 -9.13 8.99
N GLU B 895 -30.75 -8.50 8.45
CA GLU B 895 -29.38 -8.88 8.79
C GLU B 895 -29.01 -8.41 10.19
N PHE B 896 -29.45 -7.21 10.57
CA PHE B 896 -29.36 -6.80 11.97
C PHE B 896 -30.02 -7.83 12.89
N SER B 897 -31.18 -8.34 12.48
CA SER B 897 -31.91 -9.30 13.31
C SER B 897 -31.10 -10.57 13.54
N LYS B 898 -30.38 -11.03 12.51
CA LYS B 898 -29.56 -12.23 12.69
C LYS B 898 -28.40 -11.96 13.64
N LEU B 899 -27.76 -10.80 13.51
CA LEU B 899 -26.73 -10.46 14.47
C LEU B 899 -27.25 -10.59 15.90
N VAL B 900 -28.39 -9.93 16.19
CA VAL B 900 -28.87 -9.90 17.56
C VAL B 900 -29.36 -11.27 17.98
N ALA B 901 -29.91 -12.05 17.04
CA ALA B 901 -30.19 -13.46 17.33
C ALA B 901 -28.93 -14.17 17.84
N THR B 902 -27.82 -14.01 17.12
CA THR B 902 -26.58 -14.68 17.51
C THR B 902 -26.11 -14.19 18.87
N LEU B 903 -26.24 -12.89 19.12
CA LEU B 903 -25.77 -12.34 20.39
C LEU B 903 -26.68 -12.73 21.55
N LEU B 904 -27.95 -12.99 21.29
CA LEU B 904 -28.83 -13.44 22.36
C LEU B 904 -28.64 -14.92 22.65
N ALA B 905 -28.30 -15.72 21.63
CA ALA B 905 -27.98 -17.13 21.88
C ALA B 905 -26.73 -17.27 22.74
N ARG B 906 -25.84 -16.28 22.68
CA ARG B 906 -24.63 -16.25 23.48
C ARG B 906 -24.87 -15.69 24.87
N ARG B 907 -26.09 -15.23 25.17
CA ARG B 907 -26.37 -14.55 26.44
C ARG B 907 -25.38 -13.41 26.69
N VAL B 908 -25.05 -12.69 25.62
CA VAL B 908 -24.14 -11.56 25.69
C VAL B 908 -24.87 -10.24 25.53
N LEU B 909 -26.12 -10.28 25.05
CA LEU B 909 -26.97 -9.10 24.87
C LEU B 909 -28.12 -9.24 25.85
N PRO B 910 -28.21 -8.42 26.89
CA PRO B 910 -29.31 -8.56 27.84
C PRO B 910 -30.63 -8.18 27.20
N GLU B 911 -31.71 -8.66 27.81
CA GLU B 911 -33.04 -8.38 27.29
C GLU B 911 -33.35 -6.89 27.29
N ARG B 912 -32.75 -6.12 28.22
CA ARG B 912 -33.07 -4.71 28.34
C ARG B 912 -32.67 -3.91 27.10
N VAL B 913 -31.66 -4.35 26.34
CA VAL B 913 -31.29 -3.58 25.14
C VAL B 913 -32.04 -4.03 23.89
N VAL B 914 -32.62 -5.24 23.87
CA VAL B 914 -33.45 -5.62 22.74
C VAL B 914 -34.73 -4.79 22.74
N ILE B 915 -35.24 -4.50 23.94
CA ILE B 915 -36.44 -3.68 24.07
C ILE B 915 -36.13 -2.22 23.70
N GLU B 916 -35.03 -1.68 24.22
CA GLU B 916 -34.67 -0.31 23.89
C GLU B 916 -34.34 -0.17 22.41
N ALA B 917 -33.84 -1.23 21.78
CA ALA B 917 -33.62 -1.23 20.33
C ALA B 917 -34.95 -1.26 19.58
N THR B 918 -35.93 -2.02 20.07
CA THR B 918 -37.26 -1.97 19.49
C THR B 918 -37.79 -0.54 19.46
N GLN B 919 -37.63 0.20 20.56
CA GLN B 919 -38.14 1.57 20.60
C GLN B 919 -37.34 2.50 19.70
N VAL B 920 -36.02 2.31 19.65
CA VAL B 920 -35.20 3.16 18.79
C VAL B 920 -35.55 2.91 17.31
N LEU B 921 -35.91 1.67 16.97
CA LEU B 921 -36.20 1.34 15.57
C LEU B 921 -37.57 1.84 15.16
N ASN B 922 -38.59 1.57 15.98
CA ASN B 922 -39.94 2.05 15.70
C ASN B 922 -39.98 3.56 15.52
N ASP B 923 -39.22 4.30 16.33
CA ASP B 923 -39.19 5.75 16.20
C ASP B 923 -38.54 6.18 14.89
N ALA B 924 -37.50 5.46 14.46
CA ALA B 924 -36.91 5.77 13.16
C ALA B 924 -37.85 5.40 12.03
N ARG B 925 -38.66 4.35 12.20
CA ARG B 925 -39.57 3.94 11.14
C ARG B 925 -40.76 4.88 11.04
N GLY B 926 -41.33 5.29 12.17
CA GLY B 926 -42.37 6.30 12.14
C GLY B 926 -41.86 7.63 11.64
N ARG B 927 -40.62 7.97 12.02
CA ARG B 927 -39.99 9.17 11.47
C ARG B 927 -39.86 9.09 9.96
N LEU B 928 -39.79 7.88 9.40
CA LEU B 928 -39.69 7.74 7.95
C LEU B 928 -41.04 7.82 7.25
N ARG B 929 -42.11 7.68 8.03
CA ARG B 929 -43.43 7.74 7.46
C ARG B 929 -43.73 9.19 7.20
N GLU B 930 -42.80 9.82 6.50
CA GLU B 930 -42.93 11.19 6.02
C GLU B 930 -42.53 11.24 4.55
ZN ZN C . -9.33 -9.42 39.22
ZN ZN D . -8.97 -5.74 40.08
ZN ZN E . -7.69 -8.38 42.53
ZN ZN F . -13.78 -28.56 29.63
ZN ZN G . -14.46 -26.32 32.62
ZN ZN H . -12.40 -25.24 29.56
ZN ZN I . -12.01 -9.90 17.29
ZN ZN J . -45.19 -4.77 20.93
C24 A9G K . 17.02 2.02 10.48
C25 A9G K . 17.98 1.42 9.60
C26 A9G K . 19.30 2.15 9.39
C28 A9G K . 21.18 3.02 8.01
C27 A9G K . 19.97 2.31 8.16
C20 A9G K . 15.29 1.81 19.59
C19 A9G K . 15.06 2.27 18.10
C22 A9G K . 15.80 3.62 16.22
C18 A9G K . 14.00 1.81 17.27
C17 A9G K . 12.64 1.72 15.03
C16 A9G K . 13.80 2.23 15.92
C11 A9G K . 14.80 2.28 11.77
C10 A9G K . 15.77 1.46 10.78
C15 A9G K . 14.70 3.17 15.35
C14 A9G K . 14.58 3.67 13.92
C01 A9G K . 18.73 -2.08 6.33
C02 A9G K . 17.22 -1.74 6.63
C03 A9G K . 16.41 -2.61 7.78
C04 A9G K . 15.25 -3.34 7.07
C06 A9G K . 14.49 -1.73 9.35
C07 A9G K . 14.20 -0.67 10.19
C08 A9G K . 12.91 -0.45 10.99
C09 A9G K . 15.36 0.23 10.17
C29 A9G K . 21.79 3.65 9.15
C31 A9G K . 23.62 4.92 7.66
C32 A9G K . 25.07 4.47 7.24
C34 A9G K . 25.60 4.71 9.67
C35 A9G K . 24.11 4.55 10.15
C37 A9G K . 19.97 2.81 10.45
C38 A9G K . 17.59 0.24 9.03
C39 A9G K . 16.34 -0.40 9.27
N05 A9G K . 15.80 -1.62 8.77
N13 A9G K . 15.33 2.89 12.97
N21 A9G K . 15.95 3.18 17.53
N30 A9G K . 23.08 4.43 9.00
N33 A9G K . 25.83 3.91 8.41
N36 A9G K . 21.13 3.50 10.35
O12 A9G K . 13.67 2.47 11.50
O23 A9G K . 16.67 4.51 15.69
#